data_6OX4
#
_entry.id   6OX4
#
_cell.length_a   60.393
_cell.length_b   177.039
_cell.length_c   65.913
_cell.angle_alpha   90.00
_cell.angle_beta   92.50
_cell.angle_gamma   90.00
#
_symmetry.space_group_name_H-M   'P 1 21 1'
#
loop_
_entity.id
_entity.type
_entity.pdbx_description
1 polymer 'Actin Peptide'
2 polymer 'Actin-histidine N-methyltransferase'
3 non-polymer 1,2-ETHANEDIOL
4 non-polymer S-ADENOSYL-L-HOMOCYSTEINE
5 non-polymer GLYCEROL
6 non-polymer 'ACETATE ION'
7 water water
#
loop_
_entity_poly.entity_id
_entity_poly.type
_entity_poly.pdbx_seq_one_letter_code
_entity_poly.pdbx_strand_id
1 'polypeptide(L)' TLKYPIEHGIVTNWD Y,Z
2 'polypeptide(L)'
;GPLGSMGKKSRVKTQKSGTGATATVSPKEILNLTSELLQKCSSPAPGPGKEWEEYVQIRTLVEKIRKKQKGLSVTFDGKR
EDYFPDLMKWASENGASVEGFEMVNFKEEGFGLRATRDIKAEELFLWVPRKLLMTVESAKNSVLGPLYSQDRILQAMGNI
ALAFHLLCERASPNSFWQPYIQTLPSEYDTPLYFEEDEVRYLQSTQAIHDVFSQYKNTARQYAYFYKVIQTHPHANKLPL
KDSFTYEDYRWAVSSVMTRQAQIPTEDGSRVTLALIPLWDMCNHTNGLITTGYNLEDDRCECVALQDFRAGEQIYIFYGT
RSNAEFVIHSGFFFDNNSHDRVKIKLGVSKSDRLYAMKAEVLARAGIPTSSVFALHFTEPPISAQLLAFLRVFCMTEEEL
KEHLLGDSAIDRIFTLGNSEFPVSWDNEVKLWTFLEDRASLLLKTYKTTIEEDKSVLKNHDLSVRAKMAIKLRLGEKEIL
EKAVKSAAVNREYYRQQMEEKAPLPKYEESNLGLLESSVGDSRLPLVLRNLEEEAGVQDALNIREAISKAKATENGLVNG
ENSIPNGTRSENESLNQESKRAVEDAKGSSSDSTAGVKE
;
A,B
#
loop_
_chem_comp.id
_chem_comp.type
_chem_comp.name
_chem_comp.formula
ACT non-polymer 'ACETATE ION' 'C2 H3 O2 -1'
EDO non-polymer 1,2-ETHANEDIOL 'C2 H6 O2'
GOL non-polymer GLYCEROL 'C3 H8 O3'
#
# COMPACT_ATOMS: atom_id res chain seq x y z
N THR A 1 -33.82 -9.16 -16.07
CA THR A 1 -32.47 -9.35 -16.61
C THR A 1 -31.87 -10.65 -16.06
N LEU A 2 -30.98 -10.51 -15.08
CA LEU A 2 -30.39 -11.66 -14.42
C LEU A 2 -31.35 -12.19 -13.37
N LYS A 3 -31.54 -13.51 -13.34
CA LYS A 3 -32.47 -14.10 -12.39
C LYS A 3 -31.96 -13.99 -10.97
N TYR A 4 -30.65 -14.14 -10.77
CA TYR A 4 -30.03 -14.12 -9.45
C TYR A 4 -28.79 -13.23 -9.50
N PRO A 5 -28.98 -11.91 -9.39
CA PRO A 5 -27.82 -11.01 -9.35
C PRO A 5 -27.04 -11.17 -8.06
N ILE A 6 -25.72 -11.22 -8.17
CA ILE A 6 -24.82 -11.52 -7.06
C ILE A 6 -24.11 -10.24 -6.63
N GLU A 7 -24.17 -9.94 -5.35
CA GLU A 7 -23.63 -8.71 -4.77
C GLU A 7 -22.37 -9.02 -3.98
N HIS A 8 -21.26 -8.37 -4.34
CA HIS A 8 -19.97 -8.62 -3.70
C HIS A 8 -19.92 -7.88 -2.37
N GLY A 9 -19.82 -8.64 -1.27
CA GLY A 9 -19.83 -8.05 0.05
C GLY A 9 -21.20 -7.55 0.44
N ILE A 10 -22.22 -8.39 0.26
CA ILE A 10 -23.59 -8.01 0.59
C ILE A 10 -23.68 -7.65 2.06
N VAL A 11 -24.28 -6.50 2.34
CA VAL A 11 -24.37 -6.02 3.72
C VAL A 11 -25.39 -6.87 4.46
N THR A 12 -24.93 -7.53 5.52
CA THR A 12 -25.79 -8.33 6.39
C THR A 12 -25.85 -7.69 7.78
N ASN A 13 -26.85 -8.10 8.55
CA ASN A 13 -26.99 -7.66 9.93
C ASN A 13 -26.17 -8.56 10.85
N TRP A 14 -25.33 -7.93 11.68
CA TRP A 14 -24.51 -8.68 12.62
C TRP A 14 -25.05 -8.65 14.05
N ASP A 15 -26.00 -7.77 14.34
CA ASP A 15 -26.79 -7.80 15.58
C ASP A 15 -27.86 -6.72 15.55
N VAL B 25 1.46 -16.60 30.78
CA VAL B 25 0.05 -16.37 30.49
C VAL B 25 -0.75 -17.67 30.60
N SER B 26 -1.71 -17.69 31.55
CA SER B 26 -2.49 -18.88 31.83
C SER B 26 -3.85 -18.82 31.13
N PRO B 27 -4.40 -19.97 30.75
CA PRO B 27 -5.76 -19.98 30.18
C PRO B 27 -6.82 -19.55 31.16
N LYS B 28 -6.52 -19.56 32.47
CA LYS B 28 -7.51 -19.11 33.45
C LYS B 28 -7.72 -17.60 33.37
N GLU B 29 -6.65 -16.84 33.15
CA GLU B 29 -6.78 -15.39 33.04
C GLU B 29 -7.50 -14.99 31.75
N ILE B 30 -7.26 -15.72 30.67
CA ILE B 30 -7.91 -15.39 29.40
C ILE B 30 -9.42 -15.57 29.51
N LEU B 31 -9.85 -16.69 30.11
CA LEU B 31 -11.29 -16.89 30.31
C LEU B 31 -11.87 -15.89 31.30
N ASN B 32 -11.08 -15.45 32.28
CA ASN B 32 -11.54 -14.39 33.17
C ASN B 32 -11.77 -13.10 32.40
N LEU B 33 -10.85 -12.75 31.49
CA LEU B 33 -11.01 -11.54 30.70
C LEU B 33 -12.17 -11.65 29.72
N THR B 34 -12.31 -12.82 29.08
CA THR B 34 -13.44 -13.00 28.17
C THR B 34 -14.76 -12.95 28.92
N SER B 35 -14.79 -13.51 30.13
CA SER B 35 -15.98 -13.42 30.96
C SER B 35 -16.32 -11.97 31.28
N GLU B 36 -15.30 -11.18 31.63
CA GLU B 36 -15.52 -9.75 31.86
C GLU B 36 -15.96 -9.05 30.58
N LEU B 37 -15.37 -9.44 29.45
CA LEU B 37 -15.73 -8.81 28.17
C LEU B 37 -17.18 -9.12 27.80
N LEU B 38 -17.63 -10.36 28.02
CA LEU B 38 -18.99 -10.72 27.65
C LEU B 38 -20.02 -9.96 28.50
N GLN B 39 -19.71 -9.73 29.78
CA GLN B 39 -20.64 -8.97 30.61
C GLN B 39 -20.68 -7.50 30.20
N LYS B 40 -19.52 -6.95 29.80
CA LYS B 40 -19.49 -5.55 29.39
C LYS B 40 -20.25 -5.34 28.08
N CYS B 41 -20.03 -6.21 27.11
CA CYS B 41 -20.64 -6.06 25.80
C CYS B 41 -22.06 -6.59 25.73
N SER B 42 -22.56 -7.20 26.80
CA SER B 42 -23.97 -7.59 26.88
C SER B 42 -24.81 -6.55 27.63
N SER B 43 -24.18 -5.57 28.27
CA SER B 43 -24.92 -4.54 28.96
C SER B 43 -25.75 -3.71 27.97
N PRO B 44 -26.89 -3.18 28.39
CA PRO B 44 -27.66 -2.31 27.51
C PRO B 44 -26.88 -1.05 27.16
N ALA B 45 -27.32 -0.40 26.08
CA ALA B 45 -26.63 0.79 25.60
C ALA B 45 -26.62 1.86 26.68
N PRO B 46 -25.47 2.43 27.03
CA PRO B 46 -25.41 3.40 28.13
C PRO B 46 -25.91 4.78 27.73
N GLY B 47 -26.64 4.87 26.63
CA GLY B 47 -27.08 6.14 26.10
C GLY B 47 -26.09 6.70 25.12
N PRO B 48 -26.57 7.50 24.16
CA PRO B 48 -25.67 8.01 23.12
C PRO B 48 -24.57 8.91 23.63
N GLY B 49 -24.75 9.53 24.80
CA GLY B 49 -23.72 10.40 25.34
C GLY B 49 -22.53 9.68 25.93
N LYS B 50 -22.68 8.39 26.24
CA LYS B 50 -21.60 7.60 26.83
C LYS B 50 -21.07 6.52 25.89
N GLU B 51 -21.46 6.56 24.61
CA GLU B 51 -21.05 5.50 23.70
C GLU B 51 -19.57 5.57 23.37
N TRP B 52 -19.02 6.79 23.23
CA TRP B 52 -17.60 6.92 23.00
C TRP B 52 -16.79 6.35 24.16
N GLU B 53 -17.22 6.66 25.39
CA GLU B 53 -16.53 6.13 26.56
C GLU B 53 -16.72 4.62 26.69
N GLU B 54 -17.93 4.13 26.38
CA GLU B 54 -18.13 2.68 26.33
C GLU B 54 -17.22 2.05 25.28
N TYR B 55 -17.06 2.72 24.14
CA TYR B 55 -16.20 2.20 23.09
C TYR B 55 -14.76 2.06 23.57
N VAL B 56 -14.21 3.12 24.15
CA VAL B 56 -12.83 3.10 24.61
C VAL B 56 -12.64 2.08 25.72
N GLN B 57 -13.64 1.91 26.57
CA GLN B 57 -13.57 0.88 27.61
C GLN B 57 -13.49 -0.51 26.98
N ILE B 58 -14.34 -0.81 26.00
CA ILE B 58 -14.30 -2.11 25.35
C ILE B 58 -12.97 -2.32 24.63
N ARG B 59 -12.48 -1.27 23.95
CA ARG B 59 -11.19 -1.35 23.27
C ARG B 59 -10.07 -1.74 24.24
N THR B 60 -10.11 -1.18 25.45
CA THR B 60 -9.05 -1.45 26.43
C THR B 60 -9.02 -2.92 26.81
N LEU B 61 -10.19 -3.52 27.04
CA LEU B 61 -10.24 -4.94 27.38
C LEU B 61 -9.82 -5.81 26.19
N VAL B 62 -10.29 -5.48 24.98
CA VAL B 62 -9.96 -6.28 23.81
C VAL B 62 -8.45 -6.27 23.56
N GLU B 63 -7.83 -5.09 23.66
CA GLU B 63 -6.38 -5.00 23.46
C GLU B 63 -5.62 -5.75 24.56
N LYS B 64 -6.13 -5.75 25.78
CA LYS B 64 -5.52 -6.56 26.84
C LYS B 64 -5.59 -8.04 26.47
N ILE B 65 -6.77 -8.52 26.09
CA ILE B 65 -6.92 -9.89 25.62
C ILE B 65 -6.01 -10.15 24.42
N ARG B 66 -5.97 -9.21 23.47
CA ARG B 66 -5.19 -9.42 22.27
C ARG B 66 -3.69 -9.45 22.54
N LYS B 67 -3.23 -8.68 23.55
CA LYS B 67 -1.82 -8.65 23.88
C LYS B 67 -1.37 -9.90 24.62
N LYS B 68 -2.28 -10.62 25.25
CA LYS B 68 -1.96 -11.87 25.91
C LYS B 68 -2.15 -13.09 25.02
N GLN B 69 -2.47 -12.90 23.75
CA GLN B 69 -2.66 -13.99 22.79
C GLN B 69 -1.60 -13.91 21.71
N LYS B 70 -1.60 -14.93 20.84
CA LYS B 70 -0.57 -15.10 19.84
C LYS B 70 -1.04 -14.74 18.43
N GLY B 71 -1.99 -13.80 18.33
CA GLY B 71 -2.46 -13.39 17.02
C GLY B 71 -3.24 -14.48 16.31
N LEU B 72 -3.05 -14.57 14.99
CA LEU B 72 -3.73 -15.57 14.19
C LEU B 72 -3.23 -16.96 14.56
N SER B 73 -4.16 -17.84 14.94
CA SER B 73 -3.77 -19.18 15.42
C SER B 73 -3.06 -19.97 14.32
N VAL B 74 -3.52 -19.86 13.08
CA VAL B 74 -2.91 -20.55 11.95
C VAL B 74 -2.29 -19.50 11.04
N THR B 75 -0.98 -19.64 10.79
CA THR B 75 -0.27 -18.79 9.84
C THR B 75 0.45 -19.68 8.82
N PHE B 76 0.66 -19.13 7.64
CA PHE B 76 1.21 -19.87 6.52
C PHE B 76 2.62 -19.40 6.20
N ASP B 77 3.46 -20.34 5.77
CA ASP B 77 4.88 -20.07 5.59
C ASP B 77 5.14 -19.13 4.41
N GLY B 78 4.30 -19.18 3.37
CA GLY B 78 4.57 -18.44 2.16
C GLY B 78 3.92 -17.07 2.13
N LYS B 79 4.38 -16.26 1.17
CA LYS B 79 3.72 -15.01 0.89
C LYS B 79 2.41 -15.27 0.14
N ARG B 80 1.56 -14.23 0.06
CA ARG B 80 0.23 -14.40 -0.48
C ARG B 80 0.25 -14.85 -1.93
N GLU B 81 1.19 -14.31 -2.73
CA GLU B 81 1.25 -14.66 -4.14
C GLU B 81 1.79 -16.07 -4.38
N ASP B 82 2.56 -16.62 -3.45
CA ASP B 82 3.05 -17.98 -3.59
C ASP B 82 1.92 -18.99 -3.70
N TYR B 83 0.73 -18.67 -3.18
CA TYR B 83 -0.37 -19.61 -3.14
C TYR B 83 -1.38 -19.43 -4.27
N PHE B 84 -1.28 -18.34 -5.03
CA PHE B 84 -2.20 -18.14 -6.15
C PHE B 84 -2.12 -19.23 -7.20
N PRO B 85 -0.95 -19.76 -7.59
CA PRO B 85 -0.96 -20.89 -8.54
C PRO B 85 -1.74 -22.10 -8.03
N ASP B 86 -1.60 -22.46 -6.76
CA ASP B 86 -2.40 -23.57 -6.23
C ASP B 86 -3.88 -23.25 -6.30
N LEU B 87 -4.25 -21.99 -6.07
CA LEU B 87 -5.65 -21.60 -6.21
C LEU B 87 -6.13 -21.76 -7.64
N MET B 88 -5.30 -21.37 -8.61
CA MET B 88 -5.68 -21.49 -10.02
C MET B 88 -5.80 -22.96 -10.42
N LYS B 89 -4.82 -23.77 -10.07
CA LYS B 89 -4.89 -25.20 -10.38
C LYS B 89 -6.07 -25.86 -9.70
N TRP B 90 -6.30 -25.53 -8.42
CA TRP B 90 -7.43 -26.10 -7.69
C TRP B 90 -8.76 -25.72 -8.34
N ALA B 91 -8.87 -24.49 -8.83
CA ALA B 91 -10.10 -24.04 -9.46
C ALA B 91 -10.29 -24.61 -10.86
N SER B 92 -9.20 -25.00 -11.53
CA SER B 92 -9.31 -25.61 -12.84
C SER B 92 -9.82 -27.05 -12.75
N GLU B 93 -9.29 -27.82 -11.81
CA GLU B 93 -9.72 -29.20 -11.61
C GLU B 93 -11.20 -29.33 -11.29
N ASN B 94 -11.84 -28.25 -10.82
CA ASN B 94 -13.25 -28.28 -10.46
C ASN B 94 -14.12 -27.48 -11.41
N GLY B 95 -13.58 -27.02 -12.53
CA GLY B 95 -14.39 -26.48 -13.61
C GLY B 95 -14.51 -24.98 -13.70
N ALA B 96 -13.69 -24.22 -12.98
CA ALA B 96 -13.74 -22.77 -13.07
C ALA B 96 -12.81 -22.27 -14.16
N SER B 97 -13.10 -21.06 -14.66
CA SER B 97 -12.24 -20.41 -15.62
C SER B 97 -10.94 -19.94 -14.94
N VAL B 98 -9.81 -20.17 -15.60
CA VAL B 98 -8.52 -19.78 -15.04
C VAL B 98 -7.66 -19.11 -16.10
N GLU B 99 -8.14 -19.09 -17.34
CA GLU B 99 -7.41 -18.47 -18.44
C GLU B 99 -7.97 -17.08 -18.72
N GLY B 100 -7.09 -16.18 -19.15
CA GLY B 100 -7.48 -14.84 -19.54
C GLY B 100 -7.23 -13.76 -18.51
N PHE B 101 -6.74 -14.09 -17.33
CA PHE B 101 -6.48 -13.09 -16.31
C PHE B 101 -5.39 -13.61 -15.37
N GLU B 102 -4.84 -12.68 -14.60
CA GLU B 102 -3.77 -12.98 -13.64
C GLU B 102 -3.94 -12.10 -12.41
N MET B 103 -3.37 -12.55 -11.30
CA MET B 103 -3.40 -11.81 -10.05
C MET B 103 -2.24 -10.82 -10.01
N VAL B 104 -2.55 -9.54 -9.83
CA VAL B 104 -1.54 -8.50 -9.69
C VAL B 104 -1.82 -7.75 -8.39
N ASN B 105 -0.75 -7.42 -7.65
CA ASN B 105 -0.87 -6.58 -6.47
C ASN B 105 -0.87 -5.12 -6.93
N PHE B 106 -2.07 -4.53 -7.04
CA PHE B 106 -2.21 -3.15 -7.43
C PHE B 106 -2.09 -2.24 -6.22
N LYS B 107 -1.42 -1.10 -6.41
CA LYS B 107 -1.19 -0.18 -5.30
C LYS B 107 -2.50 0.35 -4.71
N GLU B 108 -3.44 0.74 -5.57
CA GLU B 108 -4.62 1.45 -5.10
C GLU B 108 -5.59 0.52 -4.38
N GLU B 109 -5.90 -0.62 -4.98
CA GLU B 109 -6.93 -1.52 -4.44
C GLU B 109 -6.37 -2.77 -3.79
N GLY B 110 -5.06 -2.99 -3.83
CA GLY B 110 -4.51 -4.27 -3.40
C GLY B 110 -4.51 -5.26 -4.55
N PHE B 111 -4.44 -6.55 -4.19
CA PHE B 111 -4.49 -7.59 -5.22
C PHE B 111 -5.81 -7.53 -5.98
N GLY B 112 -5.73 -7.78 -7.29
CA GLY B 112 -6.91 -7.86 -8.14
C GLY B 112 -6.68 -8.74 -9.35
N LEU B 113 -7.56 -8.67 -10.35
CA LEU B 113 -7.41 -9.41 -11.58
C LEU B 113 -7.02 -8.45 -12.71
N ARG B 114 -6.03 -8.84 -13.50
CA ARG B 114 -5.64 -8.08 -14.67
C ARG B 114 -5.82 -8.97 -15.90
N ALA B 115 -6.29 -8.38 -16.99
CA ALA B 115 -6.59 -9.13 -18.19
C ALA B 115 -5.32 -9.41 -18.98
N THR B 116 -5.12 -10.67 -19.35
CA THR B 116 -4.00 -11.06 -20.20
C THR B 116 -4.37 -11.03 -21.68
N ARG B 117 -5.62 -10.73 -22.01
CA ARG B 117 -6.08 -10.59 -23.37
C ARG B 117 -7.20 -9.56 -23.38
N ASP B 118 -7.56 -9.09 -24.57
CA ASP B 118 -8.68 -8.18 -24.69
C ASP B 118 -9.98 -8.89 -24.31
N ILE B 119 -10.82 -8.19 -23.55
CA ILE B 119 -12.10 -8.72 -23.09
C ILE B 119 -13.18 -7.69 -23.39
N LYS B 120 -14.11 -8.06 -24.26
CA LYS B 120 -15.17 -7.14 -24.68
C LYS B 120 -16.31 -7.13 -23.67
N ALA B 121 -16.99 -5.99 -23.59
CA ALA B 121 -18.14 -5.85 -22.71
C ALA B 121 -19.16 -6.95 -22.98
N GLU B 122 -19.77 -7.45 -21.90
CA GLU B 122 -20.78 -8.50 -21.90
C GLU B 122 -20.23 -9.88 -22.25
N GLU B 123 -18.92 -10.06 -22.30
CA GLU B 123 -18.35 -11.37 -22.55
C GLU B 123 -18.26 -12.15 -21.24
N LEU B 124 -18.73 -13.39 -21.27
CA LEU B 124 -18.62 -14.29 -20.12
C LEU B 124 -17.17 -14.71 -19.97
N PHE B 125 -16.46 -14.07 -19.05
CA PHE B 125 -15.04 -14.33 -18.85
C PHE B 125 -14.75 -15.12 -17.58
N LEU B 126 -15.73 -15.28 -16.69
CA LEU B 126 -15.47 -15.79 -15.35
C LEU B 126 -16.66 -16.63 -14.92
N TRP B 127 -16.39 -17.84 -14.44
CA TRP B 127 -17.44 -18.69 -13.90
C TRP B 127 -16.86 -19.59 -12.82
N VAL B 128 -17.67 -19.86 -11.80
CA VAL B 128 -17.23 -20.58 -10.61
C VAL B 128 -18.31 -21.58 -10.25
N PRO B 129 -18.06 -22.89 -10.33
CA PRO B 129 -19.09 -23.86 -9.95
C PRO B 129 -19.31 -23.90 -8.45
N ARG B 130 -20.49 -24.38 -8.05
CA ARG B 130 -20.90 -24.36 -6.65
C ARG B 130 -20.00 -25.22 -5.78
N LYS B 131 -19.33 -26.24 -6.36
CA LYS B 131 -18.47 -27.11 -5.56
C LYS B 131 -17.37 -26.33 -4.86
N LEU B 132 -16.89 -25.24 -5.46
CA LEU B 132 -15.80 -24.45 -4.89
C LEU B 132 -16.26 -23.50 -3.80
N LEU B 133 -17.54 -23.14 -3.77
CA LEU B 133 -18.04 -22.13 -2.86
C LEU B 133 -18.07 -22.63 -1.42
N MET B 134 -17.85 -21.72 -0.48
CA MET B 134 -18.09 -21.97 0.94
C MET B 134 -19.42 -21.32 1.31
N THR B 135 -20.36 -22.11 1.84
CA THR B 135 -21.72 -21.66 2.09
C THR B 135 -22.17 -22.10 3.46
N VAL B 136 -23.32 -21.56 3.87
CA VAL B 136 -23.95 -22.01 5.11
C VAL B 136 -24.30 -23.49 5.02
N GLU B 137 -24.72 -23.93 3.83
CA GLU B 137 -25.01 -25.35 3.62
C GLU B 137 -23.74 -26.20 3.75
N SER B 138 -22.62 -25.71 3.22
CA SER B 138 -21.36 -26.45 3.37
C SER B 138 -20.86 -26.38 4.80
N ALA B 139 -21.20 -25.32 5.55
CA ALA B 139 -20.87 -25.29 6.97
C ALA B 139 -21.69 -26.31 7.76
N LYS B 140 -22.92 -26.59 7.31
CA LYS B 140 -23.75 -27.56 8.03
C LYS B 140 -23.17 -28.98 7.92
N ASN B 141 -22.57 -29.31 6.77
CA ASN B 141 -22.00 -30.62 6.55
C ASN B 141 -20.55 -30.72 7.00
N SER B 142 -20.04 -29.72 7.71
CA SER B 142 -18.66 -29.69 8.15
C SER B 142 -18.56 -30.13 9.60
N VAL B 143 -17.33 -30.10 10.13
CA VAL B 143 -17.09 -30.44 11.54
C VAL B 143 -17.87 -29.50 12.45
N LEU B 144 -18.18 -28.29 11.98
CA LEU B 144 -19.00 -27.35 12.73
C LEU B 144 -20.47 -27.72 12.74
N GLY B 145 -20.89 -28.67 11.91
CA GLY B 145 -22.27 -29.10 11.81
C GLY B 145 -22.95 -29.42 13.13
N PRO B 146 -22.32 -30.25 13.98
CA PRO B 146 -22.95 -30.56 15.28
C PRO B 146 -23.24 -29.33 16.12
N LEU B 147 -22.28 -28.41 16.26
CA LEU B 147 -22.51 -27.22 17.05
C LEU B 147 -23.54 -26.30 16.38
N TYR B 148 -23.63 -26.35 15.05
CA TYR B 148 -24.64 -25.56 14.35
C TYR B 148 -26.05 -25.98 14.76
N SER B 149 -26.25 -27.27 15.02
CA SER B 149 -27.57 -27.78 15.37
CA SER B 149 -27.57 -27.78 15.37
C SER B 149 -27.99 -27.41 16.78
N GLN B 150 -27.11 -26.80 17.59
CA GLN B 150 -27.41 -26.51 18.97
C GLN B 150 -27.47 -25.04 19.33
N ASP B 151 -26.79 -24.17 18.57
CA ASP B 151 -26.65 -22.76 18.93
C ASP B 151 -27.59 -21.92 18.07
N ARG B 152 -28.48 -21.17 18.74
CA ARG B 152 -29.48 -20.41 18.01
C ARG B 152 -28.88 -19.23 17.26
N ILE B 153 -27.78 -18.66 17.77
CA ILE B 153 -27.11 -17.54 17.10
C ILE B 153 -26.59 -17.98 15.74
N LEU B 154 -25.98 -19.17 15.67
CA LEU B 154 -25.51 -19.67 14.39
C LEU B 154 -26.66 -19.90 13.43
N GLN B 155 -27.77 -20.46 13.92
CA GLN B 155 -28.88 -20.80 13.05
C GLN B 155 -29.59 -19.57 12.49
N ALA B 156 -29.67 -18.50 13.28
CA ALA B 156 -30.35 -17.29 12.81
C ALA B 156 -29.45 -16.40 11.96
N MET B 157 -28.13 -16.58 12.00
CA MET B 157 -27.19 -15.66 11.37
C MET B 157 -26.16 -16.44 10.55
N GLY B 158 -26.35 -16.46 9.23
CA GLY B 158 -25.44 -17.19 8.36
C GLY B 158 -24.10 -16.52 8.20
N ASN B 159 -24.05 -15.19 8.31
CA ASN B 159 -22.76 -14.48 8.22
C ASN B 159 -21.80 -14.96 9.30
N ILE B 160 -22.28 -15.11 10.53
CA ILE B 160 -21.46 -15.66 11.59
C ILE B 160 -21.15 -17.13 11.33
N ALA B 161 -22.13 -17.86 10.81
CA ALA B 161 -21.91 -19.27 10.46
C ALA B 161 -20.80 -19.40 9.44
N LEU B 162 -20.81 -18.56 8.39
CA LEU B 162 -19.73 -18.57 7.42
C LEU B 162 -18.39 -18.24 8.08
N ALA B 163 -18.39 -17.30 9.03
CA ALA B 163 -17.14 -16.86 9.65
C ALA B 163 -16.47 -18.03 10.39
N PHE B 164 -17.24 -18.73 11.22
CA PHE B 164 -16.69 -19.89 11.92
C PHE B 164 -16.35 -21.01 10.95
N HIS B 165 -17.14 -21.18 9.89
CA HIS B 165 -16.81 -22.15 8.86
C HIS B 165 -15.43 -21.87 8.26
N LEU B 166 -15.15 -20.61 7.97
CA LEU B 166 -13.85 -20.24 7.44
C LEU B 166 -12.73 -20.57 8.43
N LEU B 167 -12.99 -20.37 9.73
CA LEU B 167 -11.97 -20.59 10.75
C LEU B 167 -11.64 -22.08 10.89
N CYS B 168 -12.66 -22.93 11.01
CA CYS B 168 -12.41 -24.36 11.16
C CYS B 168 -11.66 -24.94 9.98
N GLU B 169 -11.99 -24.47 8.76
CA GLU B 169 -11.27 -24.97 7.59
C GLU B 169 -9.85 -24.39 7.52
N ARG B 170 -9.66 -23.16 8.00
CA ARG B 170 -8.32 -22.58 8.03
C ARG B 170 -7.40 -23.41 8.92
N ALA B 171 -7.93 -23.93 10.02
CA ALA B 171 -7.16 -24.73 10.96
C ALA B 171 -7.18 -26.21 10.62
N SER B 172 -7.74 -26.58 9.47
CA SER B 172 -7.72 -27.96 9.00
C SER B 172 -6.76 -28.08 7.82
N PRO B 173 -5.59 -28.69 7.98
CA PRO B 173 -4.59 -28.67 6.90
C PRO B 173 -5.02 -29.43 5.65
N ASN B 174 -6.05 -30.27 5.72
CA ASN B 174 -6.53 -31.01 4.56
C ASN B 174 -7.93 -30.57 4.13
N SER B 175 -8.32 -29.35 4.46
CA SER B 175 -9.61 -28.83 4.02
C SER B 175 -9.65 -28.72 2.50
N PHE B 176 -10.83 -29.00 1.94
CA PHE B 176 -11.03 -28.86 0.49
C PHE B 176 -10.79 -27.43 0.04
N TRP B 177 -11.03 -26.45 0.92
CA TRP B 177 -10.93 -25.05 0.57
C TRP B 177 -9.59 -24.44 0.98
N GLN B 178 -8.61 -25.25 1.37
CA GLN B 178 -7.30 -24.72 1.73
C GLN B 178 -6.64 -23.88 0.64
N PRO B 179 -6.68 -24.24 -0.65
CA PRO B 179 -6.07 -23.35 -1.66
C PRO B 179 -6.68 -21.96 -1.69
N TYR B 180 -7.97 -21.81 -1.37
CA TYR B 180 -8.59 -20.50 -1.35
C TYR B 180 -8.27 -19.75 -0.07
N ILE B 181 -8.20 -20.45 1.06
CA ILE B 181 -7.95 -19.79 2.34
C ILE B 181 -6.53 -19.22 2.38
N GLN B 182 -5.57 -19.96 1.84
CA GLN B 182 -4.18 -19.51 1.89
C GLN B 182 -3.91 -18.32 0.96
N THR B 183 -4.89 -17.90 0.15
CA THR B 183 -4.75 -16.72 -0.69
C THR B 183 -5.51 -15.52 -0.15
N LEU B 184 -6.25 -15.68 0.94
CA LEU B 184 -6.99 -14.56 1.52
C LEU B 184 -6.02 -13.53 2.10
N PRO B 185 -6.47 -12.28 2.22
CA PRO B 185 -5.66 -11.27 2.94
C PRO B 185 -5.44 -11.67 4.39
N SER B 186 -4.34 -11.18 4.96
CA SER B 186 -4.04 -11.41 6.37
C SER B 186 -4.51 -10.27 7.27
N GLU B 187 -4.91 -9.14 6.69
CA GLU B 187 -5.43 -8.01 7.46
C GLU B 187 -6.33 -7.19 6.54
N TYR B 188 -7.22 -6.41 7.15
CA TYR B 188 -8.21 -5.63 6.43
C TYR B 188 -8.21 -4.19 6.91
N ASP B 189 -9.00 -3.35 6.22
CA ASP B 189 -9.18 -1.95 6.59
C ASP B 189 -10.60 -1.67 7.09
N THR B 190 -11.29 -2.67 7.61
CA THR B 190 -12.54 -2.42 8.28
C THR B 190 -12.28 -1.63 9.57
N PRO B 191 -13.28 -0.91 10.06
CA PRO B 191 -13.10 -0.17 11.32
C PRO B 191 -12.63 -1.02 12.50
N LEU B 192 -12.83 -2.35 12.45
CA LEU B 192 -12.29 -3.22 13.48
C LEU B 192 -10.77 -3.12 13.61
N TYR B 193 -10.09 -2.66 12.55
CA TYR B 193 -8.64 -2.54 12.53
C TYR B 193 -8.14 -1.12 12.75
N PHE B 194 -9.04 -0.15 12.93
CA PHE B 194 -8.61 1.22 13.12
C PHE B 194 -8.01 1.43 14.51
N GLU B 195 -7.13 2.42 14.62
CA GLU B 195 -6.66 2.91 15.90
C GLU B 195 -7.71 3.86 16.49
N GLU B 196 -7.61 4.06 17.80
CA GLU B 196 -8.60 4.88 18.50
C GLU B 196 -8.65 6.29 17.93
N ASP B 197 -7.49 6.87 17.63
CA ASP B 197 -7.48 8.22 17.08
C ASP B 197 -7.98 8.26 15.63
N GLU B 198 -7.99 7.14 14.94
CA GLU B 198 -8.56 7.12 13.59
C GLU B 198 -10.08 7.13 13.66
N VAL B 199 -10.66 6.29 14.54
CA VAL B 199 -12.10 6.34 14.76
C VAL B 199 -12.53 7.68 15.36
N ARG B 200 -11.65 8.31 16.16
CA ARG B 200 -12.01 9.57 16.79
C ARG B 200 -12.37 10.64 15.76
N TYR B 201 -11.79 10.55 14.56
CA TYR B 201 -12.15 11.49 13.50
C TYR B 201 -13.64 11.50 13.19
N LEU B 202 -14.37 10.44 13.56
CA LEU B 202 -15.78 10.30 13.22
C LEU B 202 -16.71 10.81 14.32
N GLN B 203 -16.20 11.35 15.42
CA GLN B 203 -17.05 11.88 16.47
C GLN B 203 -18.02 12.93 15.90
N SER B 204 -19.27 12.86 16.38
CA SER B 204 -20.42 13.70 15.99
C SER B 204 -21.06 13.33 14.66
N THR B 205 -20.66 12.24 14.00
CA THR B 205 -21.24 11.86 12.72
C THR B 205 -22.30 10.76 12.90
N GLN B 206 -23.05 10.53 11.81
CA GLN B 206 -23.96 9.38 11.76
C GLN B 206 -23.19 8.07 11.76
N ALA B 207 -22.06 8.03 11.06
CA ALA B 207 -21.37 6.76 10.82
C ALA B 207 -20.81 6.16 12.11
N ILE B 208 -20.37 6.98 13.06
CA ILE B 208 -19.63 6.45 14.21
C ILE B 208 -20.48 5.50 15.05
N HIS B 209 -21.81 5.63 15.05
CA HIS B 209 -22.63 4.71 15.82
C HIS B 209 -22.56 3.29 15.27
N ASP B 210 -22.52 3.15 13.93
CA ASP B 210 -22.34 1.82 13.36
C ASP B 210 -20.96 1.26 13.66
N VAL B 211 -19.95 2.11 13.74
CA VAL B 211 -18.63 1.66 14.18
C VAL B 211 -18.69 1.13 15.60
N PHE B 212 -19.38 1.87 16.48
CA PHE B 212 -19.54 1.41 17.86
C PHE B 212 -20.24 0.06 17.93
N SER B 213 -21.36 -0.07 17.22
CA SER B 213 -22.11 -1.32 17.25
C SER B 213 -21.29 -2.48 16.66
N GLN B 214 -20.59 -2.24 15.54
CA GLN B 214 -19.76 -3.28 14.95
C GLN B 214 -18.70 -3.75 15.94
N TYR B 215 -18.05 -2.82 16.64
CA TYR B 215 -17.02 -3.20 17.60
C TYR B 215 -17.62 -3.95 18.79
N LYS B 216 -18.76 -3.46 19.30
CA LYS B 216 -19.40 -4.11 20.44
C LYS B 216 -19.96 -5.48 20.06
N ASN B 217 -20.59 -5.58 18.88
CA ASN B 217 -21.09 -6.87 18.42
C ASN B 217 -19.96 -7.87 18.26
N THR B 218 -18.84 -7.44 17.71
CA THR B 218 -17.73 -8.34 17.45
C THR B 218 -17.10 -8.83 18.75
N ALA B 219 -16.88 -7.92 19.71
CA ALA B 219 -16.34 -8.32 21.00
C ALA B 219 -17.28 -9.25 21.74
N ARG B 220 -18.58 -8.90 21.79
CA ARG B 220 -19.56 -9.79 22.42
C ARG B 220 -19.61 -11.15 21.76
N GLN B 221 -19.57 -11.19 20.42
CA GLN B 221 -19.62 -12.47 19.72
C GLN B 221 -18.39 -13.31 20.01
N TYR B 222 -17.21 -12.71 20.03
CA TYR B 222 -16.01 -13.48 20.34
C TYR B 222 -16.08 -14.06 21.74
N ALA B 223 -16.41 -13.23 22.73
CA ALA B 223 -16.49 -13.70 24.10
C ALA B 223 -17.62 -14.73 24.25
N TYR B 224 -18.78 -14.47 23.65
CA TYR B 224 -19.88 -15.43 23.75
C TYR B 224 -19.51 -16.77 23.12
N PHE B 225 -18.86 -16.75 21.96
CA PHE B 225 -18.47 -18.00 21.33
C PHE B 225 -17.21 -18.60 21.93
N TYR B 226 -16.38 -17.79 22.58
CA TYR B 226 -15.28 -18.36 23.35
C TYR B 226 -15.81 -19.26 24.46
N LYS B 227 -16.83 -18.80 25.18
CA LYS B 227 -17.42 -19.60 26.25
C LYS B 227 -18.27 -20.74 25.69
N VAL B 228 -18.98 -20.50 24.59
CA VAL B 228 -19.80 -21.56 23.98
C VAL B 228 -18.92 -22.72 23.53
N ILE B 229 -17.78 -22.40 22.90
CA ILE B 229 -16.86 -23.45 22.44
C ILE B 229 -16.35 -24.28 23.60
N GLN B 230 -16.16 -23.67 24.78
CA GLN B 230 -15.63 -24.42 25.91
C GLN B 230 -16.69 -25.20 26.68
N THR B 231 -17.97 -24.86 26.52
CA THR B 231 -19.02 -25.51 27.29
C THR B 231 -19.84 -26.53 26.49
N HIS B 232 -19.85 -26.44 25.18
CA HIS B 232 -20.70 -27.36 24.44
C HIS B 232 -19.92 -28.63 24.08
N PRO B 233 -20.48 -29.81 24.33
CA PRO B 233 -19.81 -31.03 23.88
C PRO B 233 -19.73 -31.15 22.37
N HIS B 234 -20.66 -30.54 21.65
CA HIS B 234 -20.66 -30.60 20.19
CA HIS B 234 -20.66 -30.60 20.19
C HIS B 234 -19.48 -29.87 19.57
N ALA B 235 -18.75 -29.06 20.36
CA ALA B 235 -17.59 -28.33 19.88
C ALA B 235 -16.29 -29.00 20.29
N ASN B 236 -16.34 -30.25 20.75
CA ASN B 236 -15.13 -30.91 21.24
C ASN B 236 -14.15 -31.20 20.12
N LYS B 237 -14.64 -31.52 18.93
CA LYS B 237 -13.78 -31.86 17.80
C LYS B 237 -13.38 -30.65 16.97
N LEU B 238 -13.84 -29.45 17.32
CA LEU B 238 -13.46 -28.27 16.57
C LEU B 238 -11.99 -27.95 16.80
N PRO B 239 -11.26 -27.50 15.77
CA PRO B 239 -9.91 -26.99 16.00
C PRO B 239 -9.90 -25.73 16.85
N LEU B 240 -11.01 -25.00 16.88
CA LEU B 240 -11.11 -23.78 17.68
C LEU B 240 -11.11 -24.07 19.18
N LYS B 241 -11.41 -25.30 19.59
CA LYS B 241 -11.35 -25.62 21.01
C LYS B 241 -9.92 -25.68 21.50
N ASP B 242 -8.96 -25.98 20.61
CA ASP B 242 -7.56 -25.93 20.99
C ASP B 242 -7.06 -24.49 21.08
N SER B 243 -7.41 -23.66 20.10
CA SER B 243 -7.01 -22.26 20.10
C SER B 243 -8.04 -21.44 19.34
N PHE B 244 -8.39 -20.28 19.92
CA PHE B 244 -9.37 -19.38 19.29
C PHE B 244 -9.10 -17.97 19.84
N THR B 245 -8.26 -17.23 19.12
CA THR B 245 -7.86 -15.89 19.54
C THR B 245 -8.83 -14.84 19.05
N TYR B 246 -8.84 -13.69 19.71
CA TYR B 246 -9.61 -12.56 19.22
C TYR B 246 -9.20 -12.20 17.79
N GLU B 247 -7.90 -12.26 17.51
CA GLU B 247 -7.43 -11.96 16.17
C GLU B 247 -8.03 -12.93 15.14
N ASP B 248 -8.26 -14.18 15.54
CA ASP B 248 -8.93 -15.13 14.66
C ASP B 248 -10.33 -14.64 14.29
N TYR B 249 -11.09 -14.18 15.30
CA TYR B 249 -12.48 -13.82 15.06
C TYR B 249 -12.59 -12.54 14.25
N ARG B 250 -11.72 -11.56 14.53
CA ARG B 250 -11.76 -10.32 13.76
C ARG B 250 -11.40 -10.58 12.31
N TRP B 251 -10.40 -11.43 12.07
CA TRP B 251 -10.01 -11.73 10.70
C TRP B 251 -11.13 -12.45 9.96
N ALA B 252 -11.80 -13.41 10.62
CA ALA B 252 -12.82 -14.21 9.96
C ALA B 252 -14.05 -13.38 9.61
N VAL B 253 -14.48 -12.50 10.51
CA VAL B 253 -15.68 -11.72 10.21
C VAL B 253 -15.38 -10.63 9.19
N SER B 254 -14.15 -10.10 9.21
CA SER B 254 -13.76 -9.14 8.19
C SER B 254 -13.64 -9.81 6.83
N SER B 255 -13.12 -11.04 6.80
CA SER B 255 -13.05 -11.78 5.55
C SER B 255 -14.45 -12.00 4.98
N VAL B 256 -15.40 -12.34 5.85
CA VAL B 256 -16.76 -12.60 5.40
C VAL B 256 -17.45 -11.31 4.97
N MET B 257 -17.38 -10.26 5.79
CA MET B 257 -18.18 -9.07 5.50
C MET B 257 -17.65 -8.31 4.30
N THR B 258 -16.35 -8.39 4.01
CA THR B 258 -15.83 -7.73 2.83
C THR B 258 -16.02 -8.52 1.54
N ARG B 259 -16.41 -9.80 1.61
CA ARG B 259 -16.36 -10.62 0.40
C ARG B 259 -17.65 -11.39 0.12
N GLN B 260 -18.43 -11.68 1.16
CA GLN B 260 -19.54 -12.63 1.05
C GLN B 260 -20.59 -12.16 0.05
N ALA B 261 -21.38 -13.13 -0.43
CA ALA B 261 -22.42 -12.86 -1.40
C ALA B 261 -23.60 -13.77 -1.11
N GLN B 262 -24.76 -13.39 -1.65
CA GLN B 262 -25.99 -14.16 -1.50
C GLN B 262 -26.27 -14.89 -2.81
N ILE B 263 -26.46 -16.21 -2.72
CA ILE B 263 -26.76 -17.02 -3.90
C ILE B 263 -27.99 -17.86 -3.57
N PRO B 264 -28.67 -18.37 -4.60
CA PRO B 264 -29.76 -19.32 -4.35
C PRO B 264 -29.22 -20.66 -3.87
N THR B 265 -30.07 -21.41 -3.18
CA THR B 265 -29.75 -22.78 -2.85
C THR B 265 -29.84 -23.64 -4.12
N GLU B 266 -29.29 -24.86 -4.03
CA GLU B 266 -29.39 -25.77 -5.17
C GLU B 266 -30.85 -26.05 -5.53
N ASP B 267 -31.72 -26.07 -4.53
CA ASP B 267 -33.15 -26.18 -4.78
C ASP B 267 -33.68 -24.98 -5.56
N GLY B 268 -33.03 -23.82 -5.41
CA GLY B 268 -33.56 -22.58 -5.95
C GLY B 268 -34.69 -21.98 -5.16
N SER B 269 -35.15 -22.64 -4.10
CA SER B 269 -36.31 -22.20 -3.34
C SER B 269 -36.01 -21.02 -2.42
N ARG B 270 -34.74 -20.81 -2.06
CA ARG B 270 -34.40 -19.79 -1.07
C ARG B 270 -32.95 -19.37 -1.28
N VAL B 271 -32.48 -18.49 -0.40
CA VAL B 271 -31.19 -17.85 -0.56
C VAL B 271 -30.24 -18.30 0.56
N THR B 272 -28.95 -18.13 0.30
CA THR B 272 -27.91 -18.47 1.27
C THR B 272 -26.71 -17.57 1.01
N LEU B 273 -25.84 -17.46 2.00
CA LEU B 273 -24.64 -16.65 1.92
C LEU B 273 -23.46 -17.51 1.53
N ALA B 274 -22.54 -16.94 0.74
CA ALA B 274 -21.48 -17.73 0.15
C ALA B 274 -20.20 -16.92 0.01
N LEU B 275 -19.08 -17.63 0.06
CA LEU B 275 -17.79 -17.11 -0.36
C LEU B 275 -17.48 -17.68 -1.74
N ILE B 276 -17.22 -16.80 -2.70
CA ILE B 276 -17.01 -17.21 -4.09
C ILE B 276 -15.53 -17.05 -4.44
N PRO B 277 -14.75 -18.13 -4.46
CA PRO B 277 -13.33 -18.01 -4.78
C PRO B 277 -13.10 -17.48 -6.18
N LEU B 278 -11.92 -16.89 -6.39
CA LEU B 278 -11.47 -16.37 -7.67
C LEU B 278 -12.26 -15.12 -8.06
N TRP B 279 -13.58 -15.26 -8.20
CA TRP B 279 -14.43 -14.11 -8.49
C TRP B 279 -14.25 -12.99 -7.46
N ASP B 280 -14.17 -13.34 -6.18
CA ASP B 280 -14.12 -12.27 -5.17
C ASP B 280 -12.82 -11.48 -5.19
N MET B 281 -11.84 -11.85 -6.01
CA MET B 281 -10.61 -11.09 -6.15
C MET B 281 -10.79 -9.83 -7.00
N CYS B 282 -11.90 -9.69 -7.71
CA CYS B 282 -12.14 -8.47 -8.49
C CYS B 282 -12.43 -7.30 -7.55
N ASN B 283 -11.90 -6.13 -7.88
CA ASN B 283 -12.17 -4.92 -7.13
C ASN B 283 -13.34 -4.17 -7.73
N HIS B 284 -13.72 -3.06 -7.08
CA HIS B 284 -14.97 -2.37 -7.35
C HIS B 284 -14.74 -1.15 -8.22
N THR B 285 -15.68 -0.92 -9.15
CA THR B 285 -15.80 0.32 -9.88
C THR B 285 -17.28 0.61 -10.06
N ASN B 286 -17.59 1.82 -10.51
CA ASN B 286 -18.98 2.16 -10.76
C ASN B 286 -19.48 1.48 -12.04
N GLY B 287 -20.77 1.14 -12.04
CA GLY B 287 -21.39 0.45 -13.15
C GLY B 287 -22.69 -0.25 -12.76
N LEU B 288 -22.89 -1.48 -13.25
CA LEU B 288 -24.07 -2.27 -12.95
C LEU B 288 -23.65 -3.69 -12.59
N ILE B 289 -24.55 -4.40 -11.91
CA ILE B 289 -24.31 -5.81 -11.60
C ILE B 289 -24.21 -6.61 -12.88
N THR B 290 -23.09 -7.31 -13.07
CA THR B 290 -22.91 -8.22 -14.20
C THR B 290 -22.64 -9.64 -13.75
N THR B 291 -22.90 -9.95 -12.48
CA THR B 291 -22.65 -11.27 -11.93
C THR B 291 -23.98 -11.89 -11.54
N GLY B 292 -24.27 -13.06 -12.10
CA GLY B 292 -25.50 -13.77 -11.79
C GLY B 292 -25.22 -15.24 -11.56
N TYR B 293 -26.18 -15.90 -10.93
CA TYR B 293 -26.06 -17.32 -10.69
C TYR B 293 -26.82 -18.08 -11.76
N ASN B 294 -26.16 -19.08 -12.32
CA ASN B 294 -26.75 -19.92 -13.37
C ASN B 294 -27.18 -21.23 -12.70
N LEU B 295 -28.47 -21.32 -12.37
CA LEU B 295 -28.98 -22.47 -11.65
C LEU B 295 -28.90 -23.75 -12.49
N GLU B 296 -29.08 -23.63 -13.81
CA GLU B 296 -28.99 -24.81 -14.67
C GLU B 296 -27.60 -25.43 -14.60
N ASP B 297 -26.57 -24.63 -14.85
CA ASP B 297 -25.20 -25.13 -14.76
C ASP B 297 -24.70 -25.19 -13.32
N ASP B 298 -25.46 -24.63 -12.38
CA ASP B 298 -25.11 -24.60 -10.96
C ASP B 298 -23.74 -23.94 -10.75
N ARG B 299 -23.64 -22.69 -11.22
CA ARG B 299 -22.37 -22.00 -11.15
C ARG B 299 -22.62 -20.49 -11.16
N CYS B 300 -21.71 -19.76 -10.53
CA CYS B 300 -21.71 -18.31 -10.58
CA CYS B 300 -21.71 -18.32 -10.59
C CYS B 300 -21.09 -17.85 -11.90
N GLU B 301 -21.73 -16.89 -12.56
CA GLU B 301 -21.25 -16.39 -13.83
C GLU B 301 -21.08 -14.88 -13.76
N CYS B 302 -20.07 -14.38 -14.45
CA CYS B 302 -19.75 -12.95 -14.44
C CYS B 302 -19.32 -12.55 -15.84
N VAL B 303 -20.01 -11.56 -16.41
CA VAL B 303 -19.67 -11.04 -17.72
C VAL B 303 -19.00 -9.68 -17.54
N ALA B 304 -18.18 -9.32 -18.52
CA ALA B 304 -17.37 -8.12 -18.39
C ALA B 304 -18.26 -6.88 -18.26
N LEU B 305 -17.92 -6.02 -17.30
CA LEU B 305 -18.65 -4.78 -17.11
C LEU B 305 -18.41 -3.79 -18.25
N GLN B 306 -17.22 -3.81 -18.83
CA GLN B 306 -16.85 -2.90 -19.91
C GLN B 306 -15.73 -3.58 -20.71
N ASP B 307 -15.24 -2.89 -21.73
CA ASP B 307 -14.06 -3.38 -22.45
C ASP B 307 -12.85 -3.35 -21.52
N PHE B 308 -12.13 -4.46 -21.44
CA PHE B 308 -10.88 -4.55 -20.69
C PHE B 308 -9.76 -4.96 -21.66
N ARG B 309 -8.92 -4.01 -22.05
CA ARG B 309 -7.74 -4.35 -22.83
C ARG B 309 -6.76 -5.17 -22.00
N ALA B 310 -5.95 -5.97 -22.70
CA ALA B 310 -4.90 -6.73 -22.05
C ALA B 310 -4.00 -5.80 -21.24
N GLY B 311 -3.73 -6.18 -19.99
CA GLY B 311 -2.96 -5.34 -19.10
C GLY B 311 -3.76 -4.36 -18.28
N GLU B 312 -5.08 -4.31 -18.48
CA GLU B 312 -5.97 -3.47 -17.69
C GLU B 312 -6.59 -4.28 -16.56
N GLN B 313 -6.75 -3.65 -15.40
CA GLN B 313 -7.40 -4.28 -14.26
C GLN B 313 -8.86 -4.60 -14.61
N ILE B 314 -9.32 -5.77 -14.19
CA ILE B 314 -10.70 -6.18 -14.40
C ILE B 314 -11.51 -5.81 -13.16
N TYR B 315 -12.51 -4.96 -13.34
CA TYR B 315 -13.38 -4.51 -12.26
C TYR B 315 -14.77 -5.14 -12.39
N ILE B 316 -15.48 -5.16 -11.26
CA ILE B 316 -16.90 -5.49 -11.21
C ILE B 316 -17.59 -4.43 -10.37
N PHE B 317 -18.92 -4.44 -10.42
CA PHE B 317 -19.75 -3.57 -9.59
C PHE B 317 -20.24 -4.35 -8.39
N TYR B 318 -19.82 -3.94 -7.20
CA TYR B 318 -20.18 -4.66 -5.98
C TYR B 318 -21.67 -4.53 -5.68
N GLY B 319 -22.23 -3.35 -5.88
CA GLY B 319 -23.60 -3.08 -5.47
C GLY B 319 -23.80 -1.61 -5.17
N THR B 320 -25.06 -1.25 -4.93
CA THR B 320 -25.46 0.15 -4.76
C THR B 320 -25.39 0.57 -3.30
N ARG B 321 -24.17 0.54 -2.76
CA ARG B 321 -23.95 0.80 -1.34
C ARG B 321 -23.33 2.18 -1.14
N SER B 322 -23.72 2.83 -0.04
CA SER B 322 -23.16 4.12 0.33
C SER B 322 -21.70 3.98 0.74
N ASN B 323 -21.02 5.12 0.89
CA ASN B 323 -19.64 5.08 1.33
C ASN B 323 -19.52 4.66 2.79
N ALA B 324 -20.55 4.92 3.60
N ALA B 324 -20.55 4.92 3.60
CA ALA B 324 -20.55 4.45 4.97
CA ALA B 324 -20.55 4.45 4.97
C ALA B 324 -20.58 2.92 5.03
C ALA B 324 -20.58 2.92 5.03
N GLU B 325 -21.37 2.29 4.16
CA GLU B 325 -21.38 0.83 4.09
C GLU B 325 -20.10 0.29 3.48
N PHE B 326 -19.53 1.00 2.49
CA PHE B 326 -18.26 0.57 1.93
C PHE B 326 -17.15 0.60 2.98
N VAL B 327 -17.07 1.69 3.74
CA VAL B 327 -16.03 1.78 4.76
C VAL B 327 -16.24 0.71 5.83
N ILE B 328 -17.44 0.64 6.38
CA ILE B 328 -17.67 -0.17 7.58
C ILE B 328 -17.73 -1.65 7.24
N HIS B 329 -18.39 -2.02 6.14
CA HIS B 329 -18.57 -3.41 5.78
C HIS B 329 -17.57 -3.92 4.76
N SER B 330 -17.10 -3.07 3.84
CA SER B 330 -16.17 -3.50 2.81
C SER B 330 -14.73 -3.05 3.02
N GLY B 331 -14.49 -2.12 3.95
CA GLY B 331 -13.12 -1.75 4.28
C GLY B 331 -12.43 -0.81 3.31
N PHE B 332 -13.18 0.03 2.60
CA PHE B 332 -12.56 1.01 1.72
C PHE B 332 -13.55 2.15 1.50
N PHE B 333 -13.01 3.28 1.05
CA PHE B 333 -13.81 4.46 0.70
C PHE B 333 -13.71 4.64 -0.80
N PHE B 334 -14.86 4.66 -1.47
CA PHE B 334 -14.89 4.78 -2.92
C PHE B 334 -15.14 6.23 -3.30
N ASP B 335 -14.15 6.84 -3.92
CA ASP B 335 -14.35 8.16 -4.52
C ASP B 335 -15.26 8.04 -5.73
N ASN B 336 -16.09 9.06 -5.94
CA ASN B 336 -17.07 9.07 -7.04
C ASN B 336 -18.07 7.91 -6.89
N ASN B 337 -18.58 7.73 -5.68
CA ASN B 337 -19.67 6.79 -5.45
C ASN B 337 -20.97 7.49 -5.83
N SER B 338 -21.59 7.03 -6.92
CA SER B 338 -22.82 7.66 -7.39
C SER B 338 -24.03 7.29 -6.55
N HIS B 339 -23.92 6.31 -5.65
CA HIS B 339 -25.05 5.84 -4.86
C HIS B 339 -24.90 6.21 -3.38
N ASP B 340 -24.17 7.29 -3.10
CA ASP B 340 -23.96 7.69 -1.72
C ASP B 340 -25.23 8.30 -1.13
N ARG B 341 -25.37 8.20 0.19
CA ARG B 341 -26.54 8.70 0.89
C ARG B 341 -26.23 8.83 2.37
N VAL B 342 -27.09 9.58 3.07
CA VAL B 342 -27.07 9.66 4.53
C VAL B 342 -28.48 9.32 5.02
N LYS B 343 -28.54 8.87 6.27
CA LYS B 343 -29.81 8.58 6.92
C LYS B 343 -30.47 9.86 7.42
N ILE B 344 -31.79 9.80 7.58
CA ILE B 344 -32.54 10.88 8.20
C ILE B 344 -33.80 10.31 8.85
N LYS B 345 -33.97 10.56 10.14
CA LYS B 345 -35.08 10.04 10.91
C LYS B 345 -36.19 11.08 10.96
N LEU B 346 -37.41 10.67 10.60
CA LEU B 346 -38.57 11.54 10.60
C LEU B 346 -39.78 10.77 11.12
N GLY B 347 -40.69 11.50 11.75
CA GLY B 347 -41.90 10.88 12.27
C GLY B 347 -42.96 11.94 12.53
N VAL B 348 -44.22 11.50 12.48
CA VAL B 348 -45.34 12.39 12.78
C VAL B 348 -45.53 12.46 14.28
N SER B 349 -45.59 13.68 14.81
CA SER B 349 -45.59 13.87 16.25
C SER B 349 -46.92 13.48 16.87
N LYS B 350 -46.85 12.78 18.01
CA LYS B 350 -48.05 12.41 18.75
C LYS B 350 -48.80 13.64 19.28
N SER B 351 -48.11 14.77 19.45
CA SER B 351 -48.76 15.99 19.91
C SER B 351 -49.42 16.78 18.78
N ASP B 352 -49.25 16.36 17.54
CA ASP B 352 -49.94 17.01 16.43
C ASP B 352 -51.43 16.69 16.51
N ARG B 353 -52.26 17.72 16.31
CA ARG B 353 -53.70 17.51 16.39
C ARG B 353 -54.23 16.69 15.22
N LEU B 354 -53.49 16.63 14.11
CA LEU B 354 -53.88 15.83 12.95
C LEU B 354 -53.12 14.51 12.90
N TYR B 355 -52.59 14.04 14.02
CA TYR B 355 -51.83 12.79 14.04
C TYR B 355 -52.66 11.63 13.50
N ALA B 356 -53.90 11.50 13.97
CA ALA B 356 -54.73 10.36 13.60
C ALA B 356 -54.95 10.31 12.09
N MET B 357 -55.29 11.45 11.48
CA MET B 357 -55.51 11.47 10.04
C MET B 357 -54.21 11.20 9.28
N LYS B 358 -53.12 11.88 9.70
CA LYS B 358 -51.85 11.71 9.01
C LYS B 358 -51.35 10.28 9.09
N ALA B 359 -51.42 9.67 10.28
CA ALA B 359 -51.04 8.27 10.41
C ALA B 359 -51.90 7.38 9.52
N GLU B 360 -53.19 7.73 9.35
CA GLU B 360 -54.07 6.90 8.54
C GLU B 360 -53.75 7.03 7.06
N VAL B 361 -53.52 8.26 6.59
CA VAL B 361 -53.11 8.44 5.19
C VAL B 361 -51.79 7.73 4.93
N LEU B 362 -50.86 7.81 5.88
CA LEU B 362 -49.59 7.11 5.73
C LEU B 362 -49.80 5.59 5.72
N ALA B 363 -50.69 5.10 6.56
CA ALA B 363 -50.95 3.66 6.62
C ALA B 363 -51.52 3.16 5.29
N ARG B 364 -52.52 3.86 4.76
CA ARG B 364 -53.10 3.47 3.47
C ARG B 364 -52.09 3.56 2.34
N ALA B 365 -51.05 4.37 2.49
CA ALA B 365 -49.99 4.46 1.50
C ALA B 365 -48.85 3.49 1.77
N GLY B 366 -48.95 2.67 2.81
CA GLY B 366 -47.88 1.74 3.14
C GLY B 366 -46.64 2.41 3.68
N ILE B 367 -46.79 3.49 4.43
CA ILE B 367 -45.68 4.26 4.96
C ILE B 367 -45.83 4.32 6.48
N PRO B 368 -44.83 3.95 7.25
CA PRO B 368 -44.95 4.02 8.72
C PRO B 368 -45.08 5.45 9.21
N THR B 369 -45.54 5.58 10.46
N THR B 369 -45.54 5.57 10.45
CA THR B 369 -45.68 6.90 11.06
CA THR B 369 -45.67 6.89 11.07
C THR B 369 -44.32 7.51 11.37
C THR B 369 -44.31 7.51 11.36
N SER B 370 -43.33 6.68 11.68
CA SER B 370 -41.96 7.15 11.89
C SER B 370 -41.02 6.16 11.22
N SER B 371 -39.93 6.67 10.67
CA SER B 371 -39.01 5.82 9.92
C SER B 371 -37.67 6.53 9.76
N VAL B 372 -36.69 5.77 9.29
CA VAL B 372 -35.40 6.30 8.88
C VAL B 372 -35.42 6.35 7.36
N PHE B 373 -35.32 7.56 6.80
CA PHE B 373 -35.29 7.75 5.36
C PHE B 373 -33.87 8.02 4.90
N ALA B 374 -33.70 8.19 3.60
CA ALA B 374 -32.38 8.40 3.01
C ALA B 374 -32.38 9.70 2.23
N LEU B 375 -31.32 10.49 2.40
CA LEU B 375 -31.03 11.62 1.54
C LEU B 375 -29.91 11.22 0.60
N HIS B 376 -30.11 11.44 -0.69
CA HIS B 376 -29.16 11.01 -1.69
C HIS B 376 -28.40 12.20 -2.26
N PHE B 377 -27.23 11.90 -2.82
CA PHE B 377 -26.45 12.86 -3.60
C PHE B 377 -26.95 12.95 -5.04
N THR B 378 -28.04 12.27 -5.36
CA THR B 378 -28.56 12.14 -6.72
C THR B 378 -29.32 13.40 -7.14
N GLU B 379 -29.86 13.37 -8.36
CA GLU B 379 -30.56 14.53 -8.90
C GLU B 379 -31.77 14.92 -8.06
N PRO B 380 -32.68 14.01 -7.69
CA PRO B 380 -33.59 14.31 -6.58
C PRO B 380 -33.02 13.76 -5.28
N PRO B 381 -32.89 14.60 -4.25
CA PRO B 381 -32.28 14.12 -3.00
C PRO B 381 -33.11 13.10 -2.25
N ILE B 382 -34.40 12.96 -2.57
CA ILE B 382 -35.29 12.11 -1.80
C ILE B 382 -36.01 11.14 -2.72
N SER B 383 -36.33 9.96 -2.18
CA SER B 383 -37.01 8.93 -2.94
C SER B 383 -38.52 9.21 -2.99
N ALA B 384 -39.25 8.31 -3.66
CA ALA B 384 -40.69 8.45 -3.72
C ALA B 384 -41.34 8.30 -2.36
N GLN B 385 -40.79 7.44 -1.51
CA GLN B 385 -41.39 7.22 -0.19
C GLN B 385 -41.14 8.40 0.74
N LEU B 386 -39.97 9.03 0.66
CA LEU B 386 -39.74 10.23 1.48
C LEU B 386 -40.59 11.39 1.01
N LEU B 387 -40.75 11.55 -0.31
CA LEU B 387 -41.58 12.64 -0.82
C LEU B 387 -43.02 12.48 -0.35
N ALA B 388 -43.53 11.25 -0.35
CA ALA B 388 -44.91 11.02 0.07
C ALA B 388 -45.07 11.29 1.56
N PHE B 389 -44.08 10.90 2.37
CA PHE B 389 -44.14 11.20 3.80
C PHE B 389 -44.21 12.71 4.05
N LEU B 390 -43.29 13.46 3.42
CA LEU B 390 -43.24 14.90 3.66
C LEU B 390 -44.49 15.61 3.18
N ARG B 391 -45.13 15.10 2.13
CA ARG B 391 -46.38 15.70 1.67
C ARG B 391 -47.48 15.52 2.70
N VAL B 392 -47.59 14.32 3.29
CA VAL B 392 -48.59 14.11 4.32
C VAL B 392 -48.21 14.84 5.60
N PHE B 393 -46.90 14.94 5.88
CA PHE B 393 -46.42 15.61 7.08
C PHE B 393 -46.82 17.07 7.11
N CYS B 394 -47.01 17.69 5.94
CA CYS B 394 -47.36 19.10 5.84
C CYS B 394 -48.78 19.33 5.34
N MET B 395 -49.63 18.31 5.30
CA MET B 395 -50.99 18.48 4.79
C MET B 395 -51.86 19.21 5.81
N THR B 396 -52.69 20.12 5.31
CA THR B 396 -53.80 20.66 6.08
C THR B 396 -54.85 19.56 6.31
N GLU B 397 -55.81 19.87 7.18
CA GLU B 397 -56.87 18.91 7.47
C GLU B 397 -57.76 18.71 6.24
N GLU B 398 -58.04 19.78 5.49
CA GLU B 398 -58.85 19.65 4.29
C GLU B 398 -58.15 18.80 3.24
N GLU B 399 -56.83 18.91 3.14
CA GLU B 399 -56.10 18.05 2.21
C GLU B 399 -56.08 16.59 2.68
N LEU B 400 -56.00 16.36 4.00
CA LEU B 400 -56.01 14.99 4.48
C LEU B 400 -57.35 14.32 4.22
N LYS B 401 -58.45 15.07 4.34
CA LYS B 401 -59.77 14.50 4.11
C LYS B 401 -59.94 14.05 2.66
N GLU B 402 -59.37 14.79 1.72
CA GLU B 402 -59.46 14.42 0.31
C GLU B 402 -58.64 13.18 -0.01
N HIS B 403 -57.70 12.81 0.85
CA HIS B 403 -56.96 11.56 0.73
C HIS B 403 -57.58 10.43 1.53
N LEU B 404 -58.67 10.70 2.26
CA LEU B 404 -59.34 9.70 3.07
C LEU B 404 -60.76 9.40 2.64
N LEU B 405 -61.41 10.28 1.87
CA LEU B 405 -62.83 10.19 1.64
C LEU B 405 -63.15 10.42 0.16
N GLY B 406 -64.09 9.62 -0.35
CA GLY B 406 -64.63 9.83 -1.68
C GLY B 406 -63.98 8.93 -2.71
N ASP B 407 -64.53 9.02 -3.93
CA ASP B 407 -64.12 8.18 -5.04
C ASP B 407 -62.77 8.57 -5.63
N SER B 408 -62.22 9.73 -5.26
CA SER B 408 -60.93 10.16 -5.76
C SER B 408 -59.80 10.01 -4.74
N ALA B 409 -60.09 9.49 -3.56
CA ALA B 409 -59.08 9.45 -2.50
C ALA B 409 -57.95 8.48 -2.85
N ILE B 410 -58.31 7.28 -3.33
CA ILE B 410 -57.29 6.29 -3.66
C ILE B 410 -56.44 6.76 -4.84
N ASP B 411 -57.03 7.49 -5.78
CA ASP B 411 -56.24 8.09 -6.85
C ASP B 411 -55.28 9.17 -6.32
N ARG B 412 -55.65 9.84 -5.23
CA ARG B 412 -54.73 10.80 -4.63
C ARG B 412 -53.59 10.10 -3.90
N ILE B 413 -53.89 8.99 -3.23
CA ILE B 413 -52.84 8.20 -2.60
C ILE B 413 -51.85 7.70 -3.64
N PHE B 414 -52.35 7.34 -4.83
CA PHE B 414 -51.50 6.72 -5.85
C PHE B 414 -50.38 7.66 -6.30
N THR B 415 -50.63 8.96 -6.31
CA THR B 415 -49.67 9.92 -6.84
C THR B 415 -48.81 10.57 -5.77
N LEU B 416 -48.90 10.11 -4.52
CA LEU B 416 -48.27 10.83 -3.43
C LEU B 416 -46.75 10.83 -3.54
N GLY B 417 -46.17 9.75 -4.06
CA GLY B 417 -44.73 9.68 -4.22
C GLY B 417 -44.26 10.12 -5.58
N ASN B 418 -45.09 10.89 -6.28
CA ASN B 418 -44.78 11.35 -7.64
C ASN B 418 -44.53 12.85 -7.60
N SER B 419 -43.33 13.26 -8.01
CA SER B 419 -43.00 14.68 -8.01
CA SER B 419 -42.98 14.68 -8.03
C SER B 419 -43.78 15.46 -9.06
N GLU B 420 -44.35 14.78 -10.06
CA GLU B 420 -45.08 15.46 -11.11
C GLU B 420 -46.48 15.89 -10.69
N PHE B 421 -47.00 15.39 -9.57
CA PHE B 421 -48.38 15.65 -9.17
C PHE B 421 -48.42 16.08 -7.70
N PRO B 422 -48.23 17.37 -7.44
CA PRO B 422 -48.25 17.85 -6.05
C PRO B 422 -49.66 17.88 -5.48
N VAL B 423 -49.73 17.80 -4.16
CA VAL B 423 -50.99 17.99 -3.46
C VAL B 423 -51.52 19.40 -3.70
N SER B 424 -50.66 20.40 -3.48
CA SER B 424 -50.93 21.79 -3.82
C SER B 424 -49.59 22.50 -3.84
N TRP B 425 -49.59 23.71 -4.41
CA TRP B 425 -48.36 24.51 -4.39
C TRP B 425 -47.93 24.80 -2.96
N ASP B 426 -48.90 25.09 -2.08
CA ASP B 426 -48.59 25.43 -0.70
C ASP B 426 -47.97 24.24 0.04
N ASN B 427 -48.52 23.04 -0.17
CA ASN B 427 -47.97 21.84 0.44
C ASN B 427 -46.52 21.62 0.02
N GLU B 428 -46.20 21.89 -1.26
CA GLU B 428 -44.83 21.72 -1.72
C GLU B 428 -43.90 22.76 -1.10
N VAL B 429 -44.36 24.02 -1.03
CA VAL B 429 -43.53 25.06 -0.42
C VAL B 429 -43.24 24.74 1.03
N LYS B 430 -44.24 24.21 1.75
CA LYS B 430 -44.03 23.89 3.15
C LYS B 430 -43.08 22.71 3.34
N LEU B 431 -43.19 21.68 2.48
CA LEU B 431 -42.34 20.50 2.68
C LEU B 431 -40.89 20.79 2.32
N TRP B 432 -40.65 21.57 1.26
CA TRP B 432 -39.26 21.90 0.93
C TRP B 432 -38.68 22.91 1.89
N THR B 433 -39.52 23.78 2.47
CA THR B 433 -39.06 24.67 3.52
C THR B 433 -38.64 23.88 4.74
N PHE B 434 -39.45 22.90 5.16
CA PHE B 434 -39.09 22.06 6.29
C PHE B 434 -37.80 21.29 6.03
N LEU B 435 -37.68 20.67 4.86
CA LEU B 435 -36.50 19.88 4.55
C LEU B 435 -35.25 20.76 4.48
N GLU B 436 -35.39 21.99 3.97
CA GLU B 436 -34.25 22.90 3.95
C GLU B 436 -33.81 23.26 5.37
N ASP B 437 -34.77 23.42 6.29
CA ASP B 437 -34.43 23.79 7.65
C ASP B 437 -33.84 22.61 8.41
N ARG B 438 -34.39 21.41 8.20
CA ARG B 438 -33.90 20.25 8.93
C ARG B 438 -32.50 19.86 8.48
N ALA B 439 -32.25 19.86 7.17
CA ALA B 439 -30.92 19.55 6.68
C ALA B 439 -29.90 20.60 7.16
N SER B 440 -30.30 21.87 7.23
CA SER B 440 -29.41 22.90 7.79
C SER B 440 -29.14 22.63 9.27
N LEU B 441 -30.18 22.24 10.01
CA LEU B 441 -29.99 21.92 11.42
C LEU B 441 -29.07 20.73 11.60
N LEU B 442 -29.17 19.74 10.71
CA LEU B 442 -28.29 18.58 10.80
C LEU B 442 -26.84 18.97 10.59
N LEU B 443 -26.58 19.87 9.64
CA LEU B 443 -25.21 20.31 9.38
C LEU B 443 -24.58 20.97 10.61
N LYS B 444 -25.38 21.64 11.42
CA LYS B 444 -24.86 22.36 12.59
C LYS B 444 -24.56 21.44 13.76
N THR B 445 -24.77 20.14 13.62
CA THR B 445 -24.48 19.17 14.68
C THR B 445 -23.12 18.50 14.52
N TYR B 446 -22.32 18.90 13.53
CA TYR B 446 -21.00 18.35 13.32
C TYR B 446 -19.94 19.23 13.96
N LYS B 447 -18.84 18.60 14.38
CA LYS B 447 -17.75 19.33 15.01
C LYS B 447 -16.98 20.19 14.03
N THR B 448 -17.01 19.87 12.73
CA THR B 448 -16.24 20.58 11.73
C THR B 448 -17.14 21.02 10.60
N THR B 449 -16.60 21.90 9.76
CA THR B 449 -17.26 22.32 8.53
C THR B 449 -16.64 21.57 7.35
N ILE B 450 -17.22 21.80 6.17
CA ILE B 450 -16.69 21.18 4.96
C ILE B 450 -15.33 21.75 4.62
N GLU B 451 -15.19 23.08 4.69
CA GLU B 451 -13.90 23.71 4.39
C GLU B 451 -12.81 23.28 5.36
N GLU B 452 -13.18 23.00 6.61
CA GLU B 452 -12.20 22.52 7.57
C GLU B 452 -11.71 21.11 7.22
N ASP B 453 -12.63 20.24 6.80
CA ASP B 453 -12.23 18.89 6.43
C ASP B 453 -11.32 18.89 5.21
N LYS B 454 -11.61 19.76 4.23
CA LYS B 454 -10.75 19.85 3.06
C LYS B 454 -9.34 20.30 3.43
N SER B 455 -9.22 21.21 4.41
CA SER B 455 -7.89 21.66 4.81
C SER B 455 -7.12 20.56 5.53
N VAL B 456 -7.80 19.73 6.33
CA VAL B 456 -7.15 18.60 6.96
C VAL B 456 -6.56 17.66 5.92
N LEU B 457 -7.36 17.30 4.91
CA LEU B 457 -6.88 16.40 3.87
C LEU B 457 -5.76 17.03 3.03
N LYS B 458 -5.75 18.35 2.91
CA LYS B 458 -4.75 19.04 2.11
C LYS B 458 -3.45 19.30 2.86
N ASN B 459 -3.52 19.62 4.16
CA ASN B 459 -2.36 20.12 4.88
C ASN B 459 -1.71 19.08 5.79
N HIS B 460 -2.27 17.87 5.89
CA HIS B 460 -1.74 16.83 6.77
C HIS B 460 -1.43 15.58 5.96
N ASP B 461 -0.43 14.84 6.41
CA ASP B 461 -0.07 13.54 5.86
C ASP B 461 -0.69 12.46 6.75
N LEU B 462 -1.54 11.62 6.17
CA LEU B 462 -2.42 10.75 6.93
C LEU B 462 -2.35 9.31 6.42
N SER B 463 -2.68 8.38 7.30
CA SER B 463 -2.79 6.98 6.89
C SER B 463 -4.05 6.78 6.02
N VAL B 464 -4.10 5.62 5.38
CA VAL B 464 -5.26 5.29 4.55
C VAL B 464 -6.52 5.18 5.41
N ARG B 465 -6.39 4.56 6.59
CA ARG B 465 -7.53 4.45 7.48
C ARG B 465 -7.98 5.81 8.00
N ALA B 466 -7.04 6.73 8.22
CA ALA B 466 -7.43 8.06 8.67
C ALA B 466 -8.13 8.83 7.57
N LYS B 467 -7.64 8.73 6.33
CA LYS B 467 -8.29 9.42 5.22
C LYS B 467 -9.68 8.87 4.96
N MET B 468 -9.89 7.58 5.19
CA MET B 468 -11.23 7.02 5.06
C MET B 468 -12.20 7.69 6.04
N ALA B 469 -11.79 7.83 7.30
CA ALA B 469 -12.68 8.41 8.29
C ALA B 469 -12.99 9.86 7.97
N ILE B 470 -11.97 10.63 7.58
CA ILE B 470 -12.18 12.05 7.31
C ILE B 470 -13.05 12.23 6.07
N LYS B 471 -12.74 11.51 5.00
CA LYS B 471 -13.58 11.57 3.81
C LYS B 471 -15.00 11.09 4.10
N LEU B 472 -15.14 10.11 4.98
CA LEU B 472 -16.48 9.66 5.38
C LEU B 472 -17.26 10.80 6.02
N ARG B 473 -16.66 11.51 6.97
CA ARG B 473 -17.39 12.59 7.62
C ARG B 473 -17.57 13.78 6.69
N LEU B 474 -16.63 13.99 5.76
CA LEU B 474 -16.80 15.03 4.75
C LEU B 474 -18.00 14.73 3.86
N GLY B 475 -18.18 13.46 3.48
CA GLY B 475 -19.25 13.11 2.56
C GLY B 475 -20.63 13.30 3.17
N GLU B 476 -20.78 13.01 4.46
CA GLU B 476 -22.04 13.26 5.14
C GLU B 476 -22.46 14.72 5.00
N LYS B 477 -21.54 15.65 5.27
CA LYS B 477 -21.89 17.06 5.25
C LYS B 477 -22.14 17.55 3.83
N GLU B 478 -21.43 17.01 2.85
CA GLU B 478 -21.63 17.44 1.47
C GLU B 478 -22.96 16.98 0.92
N ILE B 479 -23.44 15.80 1.35
CA ILE B 479 -24.78 15.37 0.95
C ILE B 479 -25.84 16.24 1.61
N LEU B 480 -25.65 16.58 2.89
CA LEU B 480 -26.61 17.47 3.56
C LEU B 480 -26.56 18.86 2.94
N GLU B 481 -25.37 19.35 2.62
CA GLU B 481 -25.24 20.67 2.00
C GLU B 481 -25.96 20.72 0.66
N LYS B 482 -25.79 19.69 -0.17
CA LYS B 482 -26.46 19.66 -1.46
C LYS B 482 -27.96 19.52 -1.31
N ALA B 483 -28.41 18.77 -0.31
CA ALA B 483 -29.84 18.67 -0.04
C ALA B 483 -30.41 20.02 0.41
N VAL B 484 -29.61 20.83 1.12
CA VAL B 484 -30.06 22.19 1.47
C VAL B 484 -30.24 23.01 0.20
N LYS B 485 -29.28 22.94 -0.72
CA LYS B 485 -29.38 23.71 -1.96
C LYS B 485 -30.54 23.25 -2.82
N SER B 486 -30.71 21.94 -2.99
N SER B 486 -30.69 21.94 -2.99
CA SER B 486 -31.80 21.45 -3.83
CA SER B 486 -31.79 21.43 -3.81
C SER B 486 -33.17 21.70 -3.18
C SER B 486 -33.15 21.77 -3.19
N ALA B 487 -33.23 21.73 -1.85
CA ALA B 487 -34.49 22.06 -1.19
C ALA B 487 -34.82 23.53 -1.35
N ALA B 488 -33.81 24.39 -1.29
CA ALA B 488 -34.05 25.82 -1.50
C ALA B 488 -34.45 26.10 -2.93
N VAL B 489 -33.81 25.44 -3.90
CA VAL B 489 -34.20 25.58 -5.30
C VAL B 489 -35.64 25.14 -5.49
N ASN B 490 -36.00 23.96 -4.96
CA ASN B 490 -37.37 23.47 -5.10
C ASN B 490 -38.37 24.39 -4.43
N ARG B 491 -38.00 24.99 -3.30
CA ARG B 491 -38.90 25.92 -2.64
C ARG B 491 -39.24 27.10 -3.54
N GLU B 492 -38.24 27.60 -4.28
CA GLU B 492 -38.46 28.77 -5.13
C GLU B 492 -39.26 28.40 -6.38
N TYR B 493 -39.01 27.24 -6.97
CA TYR B 493 -39.81 26.80 -8.10
C TYR B 493 -41.29 26.78 -7.76
N TYR B 494 -41.65 26.14 -6.64
CA TYR B 494 -43.06 25.99 -6.29
C TYR B 494 -43.64 27.28 -5.73
N ARG B 495 -42.82 28.13 -5.11
CA ARG B 495 -43.30 29.45 -4.73
C ARG B 495 -43.57 30.31 -5.95
N GLN B 496 -42.81 30.12 -7.03
CA GLN B 496 -43.11 30.80 -8.28
C GLN B 496 -44.45 30.36 -8.85
N GLN B 497 -44.69 29.04 -8.90
CA GLN B 497 -45.95 28.52 -9.41
C GLN B 497 -47.14 28.98 -8.57
N MET B 498 -46.91 29.36 -7.32
CA MET B 498 -48.00 29.80 -6.45
C MET B 498 -48.35 31.26 -6.70
N GLU B 499 -47.35 32.12 -6.80
CA GLU B 499 -47.60 33.54 -7.06
C GLU B 499 -48.10 33.77 -8.48
N GLU B 500 -47.79 32.87 -9.41
CA GLU B 500 -48.31 32.95 -10.77
C GLU B 500 -49.64 32.22 -10.93
N LYS B 501 -50.13 31.55 -9.88
CA LYS B 501 -51.41 30.86 -9.90
C LYS B 501 -51.46 29.81 -11.01
N ALA B 502 -50.39 29.04 -11.15
CA ALA B 502 -50.34 28.03 -12.19
C ALA B 502 -51.33 26.90 -11.88
N PRO B 503 -51.94 26.31 -12.91
CA PRO B 503 -52.86 25.20 -12.67
C PRO B 503 -52.12 23.96 -12.20
N LEU B 504 -52.73 23.24 -11.27
CA LEU B 504 -52.11 22.04 -10.72
C LEU B 504 -52.13 20.91 -11.74
N PRO B 505 -51.02 20.22 -11.96
CA PRO B 505 -51.06 18.99 -12.76
C PRO B 505 -52.00 17.98 -12.13
N LYS B 506 -52.68 17.21 -12.97
CA LYS B 506 -53.73 16.31 -12.53
C LYS B 506 -53.53 14.90 -13.07
N TYR B 507 -53.82 13.91 -12.22
CA TYR B 507 -53.94 12.51 -12.63
C TYR B 507 -52.69 11.96 -13.31
N THR C 1 30.55 21.07 5.76
CA THR C 1 29.79 21.71 6.84
C THR C 1 29.69 20.78 8.06
N LEU C 2 29.32 19.52 7.81
CA LEU C 2 29.24 18.52 8.86
C LEU C 2 30.50 17.66 8.83
N LYS C 3 31.10 17.46 10.01
CA LYS C 3 32.33 16.69 10.08
C LYS C 3 32.11 15.21 9.85
N TYR C 4 30.90 14.71 10.08
CA TYR C 4 30.56 13.30 9.85
C TYR C 4 29.15 13.21 9.29
N PRO C 5 28.97 13.51 8.01
CA PRO C 5 27.64 13.35 7.40
C PRO C 5 27.24 11.88 7.38
N ILE C 6 26.02 11.61 7.85
CA ILE C 6 25.51 10.25 7.92
C ILE C 6 24.55 10.04 6.76
N GLU C 7 24.88 9.06 5.91
CA GLU C 7 24.13 8.77 4.69
C GLU C 7 23.19 7.60 4.96
N HIS C 8 21.92 7.78 4.58
CA HIS C 8 20.90 6.76 4.82
C HIS C 8 20.92 5.76 3.67
N GLY C 9 21.22 4.50 3.99
CA GLY C 9 21.27 3.46 2.98
C GLY C 9 22.42 3.64 2.02
N ILE C 10 23.61 3.95 2.57
CA ILE C 10 24.77 4.22 1.73
C ILE C 10 25.15 2.98 0.93
N VAL C 11 25.53 3.18 -0.33
CA VAL C 11 25.79 2.07 -1.24
C VAL C 11 27.12 1.42 -0.89
N THR C 12 27.09 0.14 -0.59
CA THR C 12 28.28 -0.66 -0.35
C THR C 12 28.44 -1.67 -1.48
N ASN C 13 29.64 -2.23 -1.57
CA ASN C 13 29.91 -3.28 -2.55
C ASN C 13 29.64 -4.63 -1.90
N TRP C 14 28.73 -5.40 -2.51
CA TRP C 14 28.43 -6.76 -2.07
C TRP C 14 29.14 -7.80 -2.93
N ASP C 15 30.41 -7.55 -3.25
CA ASP C 15 31.21 -8.41 -4.13
C ASP C 15 30.57 -8.50 -5.51
N VAL D 25 12.52 -31.27 2.60
CA VAL D 25 12.08 -31.89 3.84
C VAL D 25 13.28 -32.40 4.62
N SER D 26 14.20 -33.06 3.92
CA SER D 26 15.35 -33.57 4.68
C SER D 26 16.52 -32.60 4.60
N PRO D 27 17.28 -32.46 5.69
CA PRO D 27 18.45 -31.56 5.66
C PRO D 27 19.50 -31.95 4.64
N LYS D 28 19.62 -33.25 4.33
CA LYS D 28 20.53 -33.68 3.27
C LYS D 28 20.08 -33.16 1.91
N GLU D 29 18.76 -33.07 1.70
CA GLU D 29 18.23 -32.57 0.44
C GLU D 29 18.54 -31.09 0.26
N ILE D 30 18.43 -30.30 1.35
CA ILE D 30 18.67 -28.87 1.25
C ILE D 30 20.17 -28.58 1.07
N LEU D 31 21.02 -29.35 1.74
CA LEU D 31 22.46 -29.13 1.60
C LEU D 31 22.94 -29.48 0.19
N ASN D 32 22.34 -30.50 -0.44
CA ASN D 32 22.75 -30.85 -1.80
C ASN D 32 22.33 -29.77 -2.79
N LEU D 33 21.16 -29.17 -2.59
CA LEU D 33 20.72 -28.10 -3.49
C LEU D 33 21.57 -26.84 -3.31
N THR D 34 21.84 -26.46 -2.07
CA THR D 34 22.71 -25.31 -1.82
C THR D 34 24.12 -25.57 -2.31
N SER D 35 24.58 -26.82 -2.24
CA SER D 35 25.90 -27.14 -2.80
C SER D 35 25.91 -26.98 -4.31
N GLU D 36 24.78 -27.29 -4.96
CA GLU D 36 24.67 -27.04 -6.39
C GLU D 36 24.56 -25.55 -6.68
N LEU D 37 23.79 -24.83 -5.86
CA LEU D 37 23.64 -23.40 -6.04
C LEU D 37 24.99 -22.68 -5.90
N LEU D 38 25.78 -23.06 -4.90
CA LEU D 38 27.10 -22.46 -4.72
C LEU D 38 27.96 -22.66 -5.96
N GLN D 39 27.88 -23.83 -6.59
CA GLN D 39 28.63 -24.07 -7.81
C GLN D 39 28.14 -23.16 -8.94
N LYS D 40 26.82 -23.07 -9.12
CA LYS D 40 26.28 -22.30 -10.22
C LYS D 40 26.58 -20.81 -10.08
N CYS D 41 26.61 -20.31 -8.84
CA CYS D 41 26.86 -18.90 -8.58
C CYS D 41 28.33 -18.59 -8.35
N SER D 42 29.18 -19.61 -8.31
CA SER D 42 30.62 -19.41 -8.28
C SER D 42 31.23 -19.44 -9.67
N SER D 43 30.47 -19.86 -10.68
CA SER D 43 30.96 -19.87 -12.04
C SER D 43 31.29 -18.45 -12.50
N PRO D 44 32.28 -18.30 -13.37
CA PRO D 44 32.66 -16.95 -13.82
C PRO D 44 31.56 -16.33 -14.67
N ALA D 45 31.75 -15.06 -14.97
CA ALA D 45 30.78 -14.32 -15.77
C ALA D 45 30.57 -15.01 -17.11
N PRO D 46 29.32 -15.28 -17.51
CA PRO D 46 29.07 -16.02 -18.74
C PRO D 46 29.15 -15.17 -20.00
N GLY D 47 29.37 -13.87 -19.88
CA GLY D 47 29.29 -12.98 -21.02
C GLY D 47 28.00 -12.21 -21.00
N PRO D 48 28.05 -10.94 -21.43
CA PRO D 48 26.84 -10.09 -21.34
C PRO D 48 25.65 -10.64 -22.10
N GLY D 49 25.87 -11.25 -23.27
CA GLY D 49 24.78 -11.83 -24.03
C GLY D 49 24.12 -13.02 -23.38
N LYS D 50 24.72 -13.58 -22.33
CA LYS D 50 24.18 -14.76 -21.67
C LYS D 50 23.76 -14.49 -20.23
N GLU D 51 23.81 -13.24 -19.77
CA GLU D 51 23.53 -12.98 -18.36
C GLU D 51 22.06 -13.17 -18.02
N TRP D 52 21.15 -12.86 -18.95
CA TRP D 52 19.73 -13.10 -18.68
C TRP D 52 19.45 -14.57 -18.47
N GLU D 53 20.01 -15.43 -19.33
CA GLU D 53 19.77 -16.86 -19.23
C GLU D 53 20.32 -17.44 -17.93
N GLU D 54 21.51 -16.98 -17.50
CA GLU D 54 22.05 -17.43 -16.23
C GLU D 54 21.20 -16.95 -15.06
N TYR D 55 20.71 -15.70 -15.14
CA TYR D 55 19.83 -15.18 -14.10
C TYR D 55 18.61 -16.06 -13.91
N VAL D 56 17.93 -16.40 -15.00
CA VAL D 56 16.76 -17.25 -14.92
C VAL D 56 17.14 -18.64 -14.41
N GLN D 57 18.35 -19.12 -14.73
CA GLN D 57 18.80 -20.39 -14.19
C GLN D 57 19.04 -20.30 -12.68
N ILE D 58 19.56 -19.17 -12.21
CA ILE D 58 19.76 -19.01 -10.77
C ILE D 58 18.42 -18.81 -10.07
N ARG D 59 17.51 -18.05 -10.68
CA ARG D 59 16.17 -17.92 -10.14
C ARG D 59 15.50 -19.28 -9.96
N THR D 60 15.75 -20.20 -10.89
CA THR D 60 15.07 -21.50 -10.85
C THR D 60 15.57 -22.34 -9.68
N LEU D 61 16.89 -22.33 -9.42
CA LEU D 61 17.44 -23.06 -8.28
C LEU D 61 16.93 -22.50 -6.96
N VAL D 62 16.99 -21.18 -6.79
CA VAL D 62 16.68 -20.59 -5.49
C VAL D 62 15.19 -20.72 -5.17
N GLU D 63 14.33 -20.60 -6.18
CA GLU D 63 12.90 -20.75 -5.94
C GLU D 63 12.56 -22.18 -5.53
N LYS D 64 13.26 -23.16 -6.11
CA LYS D 64 13.09 -24.54 -5.66
C LYS D 64 13.55 -24.70 -4.22
N ILE D 65 14.65 -24.05 -3.85
CA ILE D 65 15.08 -24.05 -2.46
C ILE D 65 14.07 -23.33 -1.58
N ARG D 66 13.63 -22.14 -2.00
CA ARG D 66 12.68 -21.37 -1.21
C ARG D 66 11.34 -22.09 -1.06
N LYS D 67 10.92 -22.85 -2.08
CA LYS D 67 9.67 -23.59 -1.97
C LYS D 67 9.78 -24.76 -1.01
N LYS D 68 10.99 -25.26 -0.75
CA LYS D 68 11.19 -26.36 0.19
C LYS D 68 11.44 -25.88 1.62
N GLN D 69 11.40 -24.57 1.87
CA GLN D 69 11.70 -24.01 3.19
C GLN D 69 10.47 -23.29 3.74
N LYS D 70 10.58 -22.84 4.99
CA LYS D 70 9.44 -22.33 5.74
C LYS D 70 9.42 -20.81 5.83
N GLY D 71 9.94 -20.12 4.81
CA GLY D 71 9.95 -18.66 4.86
C GLY D 71 10.90 -18.16 5.93
N LEU D 72 10.48 -17.11 6.64
CA LEU D 72 11.27 -16.58 7.73
C LEU D 72 11.31 -17.56 8.89
N SER D 73 12.49 -17.75 9.46
CA SER D 73 12.62 -18.65 10.61
C SER D 73 11.88 -18.09 11.82
N VAL D 74 12.13 -16.82 12.14
CA VAL D 74 11.51 -16.17 13.29
C VAL D 74 10.49 -15.16 12.79
N THR D 75 9.25 -15.29 13.26
CA THR D 75 8.20 -14.31 13.01
C THR D 75 7.59 -13.93 14.35
N PHE D 76 7.02 -12.74 14.41
CA PHE D 76 6.52 -12.19 15.65
C PHE D 76 4.99 -12.20 15.68
N ASP D 77 4.44 -12.29 16.89
CA ASP D 77 2.99 -12.47 17.07
C ASP D 77 2.20 -11.27 16.56
N GLY D 78 2.66 -10.06 16.89
CA GLY D 78 1.87 -8.87 16.61
C GLY D 78 2.22 -8.23 15.28
N LYS D 79 1.42 -7.23 14.93
CA LYS D 79 1.67 -6.46 13.73
C LYS D 79 2.86 -5.52 13.96
N ARG D 80 3.32 -4.91 12.86
CA ARG D 80 4.50 -4.07 12.93
C ARG D 80 4.30 -2.88 13.87
N GLU D 81 3.09 -2.28 13.85
CA GLU D 81 2.81 -1.14 14.72
C GLU D 81 2.61 -1.55 16.17
N ASP D 82 2.36 -2.82 16.46
CA ASP D 82 2.25 -3.27 17.84
C ASP D 82 3.58 -3.25 18.59
N TYR D 83 4.69 -2.95 17.92
CA TYR D 83 5.98 -2.95 18.59
C TYR D 83 6.64 -1.58 18.63
N PHE D 84 6.07 -0.57 17.95
CA PHE D 84 6.64 0.77 18.03
C PHE D 84 6.64 1.34 19.45
N PRO D 85 5.62 1.11 20.29
CA PRO D 85 5.74 1.53 21.69
C PRO D 85 6.97 0.98 22.38
N ASP D 86 7.27 -0.31 22.21
CA ASP D 86 8.46 -0.88 22.84
C ASP D 86 9.74 -0.24 22.31
N LEU D 87 9.80 0.04 21.01
CA LEU D 87 10.96 0.74 20.47
C LEU D 87 11.09 2.13 21.07
N MET D 88 9.98 2.84 21.22
CA MET D 88 10.02 4.18 21.81
C MET D 88 10.53 4.13 23.23
N LYS D 89 9.99 3.21 24.04
CA LYS D 89 10.43 3.07 25.42
C LYS D 89 11.90 2.68 25.48
N TRP D 90 12.29 1.68 24.69
CA TRP D 90 13.68 1.23 24.67
C TRP D 90 14.63 2.32 24.21
N ALA D 91 14.19 3.15 23.27
CA ALA D 91 15.02 4.28 22.84
C ALA D 91 15.13 5.33 23.94
N SER D 92 14.03 5.58 24.65
CA SER D 92 14.06 6.60 25.70
C SER D 92 14.94 6.17 26.87
N GLU D 93 14.92 4.88 27.20
CA GLU D 93 15.72 4.40 28.32
C GLU D 93 17.21 4.63 28.10
N ASN D 94 17.66 4.62 26.85
CA ASN D 94 19.07 4.73 26.54
C ASN D 94 19.45 6.09 25.96
N GLY D 95 18.61 7.09 26.15
CA GLY D 95 18.97 8.47 25.86
C GLY D 95 18.57 9.04 24.52
N ALA D 96 17.74 8.33 23.75
CA ALA D 96 17.35 8.86 22.45
C ALA D 96 16.20 9.84 22.59
N SER D 97 16.06 10.70 21.58
CA SER D 97 14.91 11.59 21.50
C SER D 97 13.67 10.82 21.10
N VAL D 98 12.57 10.99 21.85
CA VAL D 98 11.34 10.28 21.58
C VAL D 98 10.13 11.19 21.51
N GLU D 99 10.28 12.50 21.73
CA GLU D 99 9.15 13.42 21.71
C GLU D 99 9.18 14.29 20.45
N GLY D 100 7.99 14.71 20.01
CA GLY D 100 7.86 15.56 18.85
C GLY D 100 7.44 14.86 17.56
N PHE D 101 7.43 13.53 17.53
CA PHE D 101 7.09 12.80 16.31
C PHE D 101 6.38 11.50 16.67
N GLU D 102 5.77 10.88 15.66
CA GLU D 102 5.06 9.62 15.85
C GLU D 102 5.19 8.77 14.59
N MET D 103 4.89 7.48 14.73
CA MET D 103 5.01 6.51 13.65
C MET D 103 3.68 6.40 12.92
N VAL D 104 3.69 6.71 11.63
CA VAL D 104 2.49 6.65 10.81
C VAL D 104 2.78 5.81 9.58
N ASN D 105 1.84 4.94 9.22
CA ASN D 105 1.93 4.15 7.99
C ASN D 105 1.36 4.98 6.84
N PHE D 106 2.25 5.59 6.07
CA PHE D 106 1.88 6.39 4.91
C PHE D 106 1.75 5.49 3.68
N LYS D 107 0.82 5.84 2.80
CA LYS D 107 0.62 5.02 1.60
C LYS D 107 1.81 5.12 0.65
N GLU D 108 2.30 6.34 0.42
CA GLU D 108 3.32 6.54 -0.61
C GLU D 108 4.63 5.87 -0.22
N GLU D 109 5.08 6.06 1.02
CA GLU D 109 6.42 5.62 1.41
C GLU D 109 6.42 4.46 2.41
N GLY D 110 5.26 4.05 2.91
CA GLY D 110 5.24 3.10 4.00
C GLY D 110 5.30 3.83 5.33
N PHE D 111 5.81 3.17 6.36
CA PHE D 111 5.91 3.81 7.66
C PHE D 111 6.93 4.93 7.64
N GLY D 112 6.65 5.98 8.40
CA GLY D 112 7.55 7.10 8.52
C GLY D 112 7.29 7.85 9.81
N LEU D 113 7.95 8.99 9.95
CA LEU D 113 7.75 9.86 11.10
C LEU D 113 6.85 11.02 10.72
N ARG D 114 5.93 11.37 11.62
CA ARG D 114 5.08 12.53 11.44
C ARG D 114 5.23 13.43 12.66
N ALA D 115 5.26 14.74 12.43
CA ALA D 115 5.52 15.68 13.51
C ALA D 115 4.27 15.88 14.37
N THR D 116 4.44 15.80 15.70
CA THR D 116 3.35 16.11 16.61
C THR D 116 3.37 17.57 17.05
N ARG D 117 4.30 18.36 16.54
CA ARG D 117 4.38 19.79 16.85
C ARG D 117 5.13 20.46 15.71
N ASP D 118 5.16 21.78 15.74
CA ASP D 118 5.89 22.52 14.71
C ASP D 118 7.39 22.36 14.92
N ILE D 119 8.09 21.95 13.86
CA ILE D 119 9.54 21.77 13.88
C ILE D 119 10.13 22.72 12.86
N LYS D 120 10.89 23.70 13.33
CA LYS D 120 11.49 24.69 12.45
C LYS D 120 12.75 24.13 11.79
N ALA D 121 13.06 24.64 10.60
CA ALA D 121 14.23 24.18 9.87
C ALA D 121 15.49 24.44 10.67
N GLU D 122 16.41 23.46 10.65
CA GLU D 122 17.70 23.44 11.35
C GLU D 122 17.57 23.17 12.84
N GLU D 123 16.38 22.87 13.34
CA GLU D 123 16.22 22.48 14.74
C GLU D 123 16.68 21.04 14.95
N LEU D 124 17.48 20.81 15.98
CA LEU D 124 17.90 19.47 16.35
C LEU D 124 16.73 18.74 17.01
N PHE D 125 16.06 17.89 16.24
CA PHE D 125 14.86 17.19 16.69
C PHE D 125 15.07 15.71 16.93
N LEU D 126 16.26 15.18 16.60
CA LEU D 126 16.43 13.73 16.60
C LEU D 126 17.87 13.40 16.93
N TRP D 127 18.06 12.55 17.93
CA TRP D 127 19.40 12.12 18.31
C TRP D 127 19.34 10.70 18.87
N VAL D 128 20.39 9.92 18.58
CA VAL D 128 20.43 8.50 18.94
C VAL D 128 21.82 8.18 19.48
N PRO D 129 21.94 7.75 20.74
CA PRO D 129 23.24 7.38 21.27
C PRO D 129 23.77 6.09 20.64
N ARG D 130 25.10 5.95 20.69
CA ARG D 130 25.76 4.83 20.01
C ARG D 130 25.36 3.49 20.58
N LYS D 131 25.12 3.42 21.89
CA LYS D 131 24.69 2.18 22.53
C LYS D 131 23.46 1.56 21.87
N LEU D 132 22.62 2.36 21.20
CA LEU D 132 21.44 1.83 20.54
C LEU D 132 21.74 1.23 19.18
N LEU D 133 22.87 1.57 18.57
CA LEU D 133 23.14 1.16 17.21
C LEU D 133 23.59 -0.29 17.15
N MET D 134 23.35 -0.92 16.00
CA MET D 134 23.99 -2.18 15.63
C MET D 134 25.12 -1.85 14.66
N THR D 135 26.33 -2.27 14.99
CA THR D 135 27.52 -1.91 14.22
C THR D 135 28.33 -3.17 13.94
N VAL D 136 29.38 -3.00 13.15
CA VAL D 136 30.32 -4.10 12.98
C VAL D 136 31.02 -4.40 14.30
N GLU D 137 31.26 -3.38 15.13
CA GLU D 137 31.92 -3.59 16.42
C GLU D 137 31.06 -4.45 17.33
N SER D 138 29.77 -4.13 17.43
CA SER D 138 28.87 -4.93 18.27
C SER D 138 28.64 -6.31 17.69
N ALA D 139 28.79 -6.48 16.37
CA ALA D 139 28.72 -7.82 15.79
C ALA D 139 29.90 -8.67 16.22
N LYS D 140 31.06 -8.06 16.48
CA LYS D 140 32.25 -8.80 16.89
C LYS D 140 32.19 -9.23 18.35
N ASN D 141 31.39 -8.57 19.18
CA ASN D 141 31.25 -8.92 20.58
C ASN D 141 30.02 -9.78 20.84
N SER D 142 29.31 -10.20 19.80
CA SER D 142 28.10 -10.99 19.95
C SER D 142 28.44 -12.48 19.87
N VAL D 143 27.40 -13.33 19.80
CA VAL D 143 27.61 -14.76 19.59
C VAL D 143 28.24 -15.03 18.23
N LEU D 144 28.18 -14.05 17.31
CA LEU D 144 28.82 -14.15 16.01
C LEU D 144 30.33 -13.95 16.08
N GLY D 145 30.86 -13.60 17.25
CA GLY D 145 32.27 -13.34 17.43
C GLY D 145 33.21 -14.45 16.98
N PRO D 146 33.02 -15.66 17.51
CA PRO D 146 33.94 -16.76 17.13
C PRO D 146 33.99 -17.02 15.63
N LEU D 147 32.83 -17.07 14.97
CA LEU D 147 32.83 -17.28 13.53
C LEU D 147 33.44 -16.11 12.78
N TYR D 148 33.26 -14.87 13.29
CA TYR D 148 33.77 -13.69 12.61
C TYR D 148 35.30 -13.67 12.61
N SER D 149 35.91 -14.06 13.73
CA SER D 149 37.36 -14.02 13.85
C SER D 149 38.08 -15.03 12.97
N GLN D 150 37.33 -15.87 12.23
CA GLN D 150 37.92 -16.91 11.40
C GLN D 150 37.50 -16.85 9.94
N ASP D 151 36.35 -16.26 9.61
CA ASP D 151 35.83 -16.26 8.25
C ASP D 151 36.33 -15.02 7.51
N ARG D 152 37.02 -15.25 6.39
CA ARG D 152 37.63 -14.14 5.66
C ARG D 152 36.58 -13.24 5.02
N ILE D 153 35.44 -13.80 4.60
CA ILE D 153 34.41 -13.00 3.95
C ILE D 153 33.80 -12.01 4.93
N LEU D 154 33.48 -12.47 6.14
CA LEU D 154 32.87 -11.58 7.13
C LEU D 154 33.81 -10.42 7.46
N GLN D 155 35.09 -10.70 7.67
CA GLN D 155 36.05 -9.65 7.99
C GLN D 155 36.26 -8.68 6.84
N ALA D 156 35.99 -9.11 5.61
CA ALA D 156 36.18 -8.25 4.46
C ALA D 156 34.93 -7.45 4.10
N MET D 157 33.75 -7.91 4.50
CA MET D 157 32.49 -7.29 4.11
CA MET D 157 32.49 -7.29 4.11
C MET D 157 31.67 -7.00 5.36
N GLY D 158 31.77 -5.77 5.88
CA GLY D 158 31.02 -5.42 7.07
C GLY D 158 29.53 -5.43 6.85
N ASN D 159 29.08 -5.14 5.62
CA ASN D 159 27.66 -5.16 5.32
C ASN D 159 27.06 -6.56 5.53
N ILE D 160 27.82 -7.59 5.18
CA ILE D 160 27.35 -8.96 5.37
C ILE D 160 27.44 -9.35 6.85
N ALA D 161 28.53 -8.97 7.52
CA ALA D 161 28.60 -9.17 8.96
C ALA D 161 27.44 -8.47 9.66
N LEU D 162 27.13 -7.24 9.25
CA LEU D 162 25.98 -6.54 9.78
C LEU D 162 24.69 -7.29 9.47
N ALA D 163 24.63 -7.97 8.32
CA ALA D 163 23.43 -8.74 7.97
C ALA D 163 23.29 -9.97 8.86
N PHE D 164 24.37 -10.69 9.10
CA PHE D 164 24.30 -11.86 9.98
C PHE D 164 24.12 -11.45 11.43
N HIS D 165 24.73 -10.34 11.85
CA HIS D 165 24.44 -9.77 13.17
C HIS D 165 22.95 -9.59 13.34
N LEU D 166 22.26 -9.14 12.28
CA LEU D 166 20.82 -8.92 12.34
C LEU D 166 20.07 -10.23 12.55
N LEU D 167 20.41 -11.26 11.78
CA LEU D 167 19.67 -12.52 11.87
C LEU D 167 19.86 -13.19 13.23
N CYS D 168 21.10 -13.16 13.75
CA CYS D 168 21.36 -13.79 15.04
C CYS D 168 20.58 -13.10 16.15
N GLU D 169 20.63 -11.77 16.21
CA GLU D 169 19.86 -11.05 17.21
C GLU D 169 18.36 -11.23 16.99
N ARG D 170 17.95 -11.43 15.74
CA ARG D 170 16.54 -11.66 15.46
C ARG D 170 16.05 -12.95 16.09
N ALA D 171 16.86 -14.01 16.00
CA ALA D 171 16.53 -15.31 16.56
C ALA D 171 16.96 -15.45 18.02
N SER D 172 17.34 -14.35 18.67
CA SER D 172 17.69 -14.36 20.10
C SER D 172 16.58 -13.65 20.87
N PRO D 173 15.76 -14.37 21.64
CA PRO D 173 14.62 -13.72 22.30
C PRO D 173 15.01 -12.65 23.31
N ASN D 174 16.15 -12.78 23.98
CA ASN D 174 16.59 -11.80 24.96
C ASN D 174 17.59 -10.80 24.38
N SER D 175 17.57 -10.60 23.06
CA SER D 175 18.50 -9.67 22.43
C SER D 175 18.23 -8.24 22.89
N PHE D 176 19.31 -7.47 23.05
CA PHE D 176 19.16 -6.08 23.43
C PHE D 176 18.48 -5.26 22.33
N TRP D 177 18.59 -5.69 21.07
CA TRP D 177 18.05 -4.94 19.95
C TRP D 177 16.67 -5.43 19.52
N GLN D 178 16.09 -6.40 20.22
CA GLN D 178 14.76 -6.93 19.90
C GLN D 178 13.70 -5.85 19.68
N PRO D 179 13.62 -4.78 20.47
CA PRO D 179 12.63 -3.74 20.16
C PRO D 179 12.83 -3.09 18.80
N TYR D 180 14.07 -3.03 18.31
CA TYR D 180 14.31 -2.46 16.98
C TYR D 180 14.00 -3.48 15.90
N ILE D 181 14.33 -4.75 16.13
CA ILE D 181 14.18 -5.77 15.10
C ILE D 181 12.71 -6.11 14.89
N GLN D 182 11.90 -6.07 15.95
CA GLN D 182 10.49 -6.36 15.81
C GLN D 182 9.73 -5.25 15.06
N THR D 183 10.38 -4.13 14.75
CA THR D 183 9.75 -3.04 14.02
C THR D 183 10.27 -2.90 12.60
N LEU D 184 11.20 -3.75 12.18
CA LEU D 184 11.66 -3.72 10.80
C LEU D 184 10.57 -4.26 9.87
N PRO D 185 10.63 -3.90 8.58
CA PRO D 185 9.68 -4.47 7.62
C PRO D 185 9.89 -5.97 7.46
N SER D 186 8.81 -6.67 7.11
CA SER D 186 8.91 -8.09 6.79
C SER D 186 9.26 -8.34 5.33
N GLU D 187 9.24 -7.31 4.49
CA GLU D 187 9.45 -7.47 3.07
C GLU D 187 9.91 -6.14 2.51
N TYR D 188 10.59 -6.20 1.36
CA TYR D 188 11.19 -5.02 0.75
C TYR D 188 10.87 -5.00 -0.74
N ASP D 189 11.17 -3.87 -1.37
CA ASP D 189 11.05 -3.71 -2.82
C ASP D 189 12.42 -3.67 -3.51
N THR D 190 13.40 -4.39 -2.96
CA THR D 190 14.63 -4.57 -3.70
C THR D 190 14.39 -5.53 -4.86
N PRO D 191 15.18 -5.45 -5.92
CA PRO D 191 14.99 -6.38 -7.04
C PRO D 191 15.05 -7.85 -6.63
N LEU D 192 15.64 -8.17 -5.49
CA LEU D 192 15.61 -9.54 -4.98
C LEU D 192 14.20 -10.07 -4.80
N TYR D 193 13.22 -9.17 -4.64
CA TYR D 193 11.82 -9.54 -4.45
C TYR D 193 10.99 -9.44 -5.71
N PHE D 194 11.59 -9.05 -6.84
CA PHE D 194 10.82 -8.88 -8.06
C PHE D 194 10.46 -10.21 -8.68
N GLU D 195 9.32 -10.23 -9.38
CA GLU D 195 9.00 -11.34 -10.25
C GLU D 195 9.91 -11.33 -11.47
N GLU D 196 10.11 -12.52 -12.04
CA GLU D 196 10.94 -12.62 -13.24
C GLU D 196 10.48 -11.65 -14.33
N ASP D 197 9.17 -11.57 -14.56
CA ASP D 197 8.66 -10.67 -15.59
C ASP D 197 8.74 -9.20 -15.18
N GLU D 198 8.87 -8.90 -13.89
CA GLU D 198 9.11 -7.52 -13.50
C GLU D 198 10.52 -7.10 -13.87
N VAL D 199 11.52 -7.93 -13.54
CA VAL D 199 12.88 -7.65 -13.97
C VAL D 199 12.98 -7.55 -15.49
N ARG D 200 12.15 -8.32 -16.21
CA ARG D 200 12.24 -8.40 -17.67
C ARG D 200 12.02 -7.04 -18.33
N TYR D 201 11.28 -6.14 -17.68
CA TYR D 201 11.14 -4.79 -18.20
C TYR D 201 12.47 -4.07 -18.38
N LEU D 202 13.51 -4.51 -17.68
CA LEU D 202 14.81 -3.84 -17.70
C LEU D 202 15.77 -4.41 -18.74
N GLN D 203 15.30 -5.27 -19.62
CA GLN D 203 16.17 -5.83 -20.65
C GLN D 203 16.70 -4.73 -21.55
N SER D 204 18.01 -4.84 -21.87
CA SER D 204 18.75 -3.93 -22.74
C SER D 204 19.01 -2.56 -22.12
N THR D 205 18.81 -2.39 -20.82
CA THR D 205 19.16 -1.15 -20.14
C THR D 205 20.50 -1.30 -19.42
N GLN D 206 21.01 -0.16 -18.93
CA GLN D 206 22.25 -0.17 -18.16
C GLN D 206 22.07 -0.77 -16.77
N ALA D 207 20.85 -0.74 -16.22
CA ALA D 207 20.65 -1.12 -14.83
C ALA D 207 20.58 -2.63 -14.64
N ILE D 208 20.20 -3.39 -15.67
CA ILE D 208 19.86 -4.79 -15.43
C ILE D 208 21.10 -5.61 -15.04
N HIS D 209 22.29 -5.19 -15.47
CA HIS D 209 23.50 -5.92 -15.09
C HIS D 209 23.68 -5.93 -13.58
N ASP D 210 23.46 -4.79 -12.93
CA ASP D 210 23.57 -4.73 -11.47
C ASP D 210 22.49 -5.55 -10.79
N VAL D 211 21.29 -5.63 -11.38
CA VAL D 211 20.27 -6.54 -10.89
C VAL D 211 20.81 -7.97 -10.95
N PHE D 212 21.47 -8.33 -12.05
CA PHE D 212 22.02 -9.68 -12.19
C PHE D 212 23.11 -9.93 -11.14
N SER D 213 24.04 -8.99 -10.99
CA SER D 213 25.10 -9.13 -10.01
C SER D 213 24.52 -9.27 -8.60
N GLN D 214 23.53 -8.44 -8.27
CA GLN D 214 22.93 -8.50 -6.94
C GLN D 214 22.32 -9.87 -6.68
N TYR D 215 21.61 -10.41 -7.67
CA TYR D 215 20.96 -11.71 -7.48
C TYR D 215 21.98 -12.82 -7.31
N LYS D 216 22.99 -12.84 -8.19
CA LYS D 216 24.00 -13.88 -8.13
C LYS D 216 24.84 -13.78 -6.86
N ASN D 217 25.23 -12.55 -6.49
CA ASN D 217 25.96 -12.36 -5.23
C ASN D 217 25.15 -12.86 -4.03
N THR D 218 23.88 -12.47 -3.95
CA THR D 218 23.06 -12.88 -2.82
C THR D 218 22.88 -14.40 -2.79
N ALA D 219 22.71 -15.01 -3.98
CA ALA D 219 22.57 -16.46 -4.04
C ALA D 219 23.86 -17.15 -3.60
N ARG D 220 25.00 -16.70 -4.12
CA ARG D 220 26.28 -17.32 -3.75
C ARG D 220 26.54 -17.17 -2.26
N GLN D 221 26.27 -15.98 -1.70
CA GLN D 221 26.52 -15.75 -0.28
C GLN D 221 25.66 -16.65 0.59
N TYR D 222 24.39 -16.82 0.25
CA TYR D 222 23.51 -17.68 1.04
C TYR D 222 24.02 -19.12 1.06
N ALA D 223 24.30 -19.67 -0.12
CA ALA D 223 24.75 -21.07 -0.19
C ALA D 223 26.06 -21.25 0.56
N TYR D 224 27.00 -20.33 0.38
CA TYR D 224 28.28 -20.43 1.08
C TYR D 224 28.06 -20.47 2.59
N PHE D 225 27.40 -19.43 3.13
CA PHE D 225 27.28 -19.37 4.58
C PHE D 225 26.34 -20.42 5.13
N TYR D 226 25.44 -20.97 4.32
CA TYR D 226 24.64 -22.10 4.79
C TYR D 226 25.53 -23.31 5.08
N LYS D 227 26.47 -23.60 4.17
CA LYS D 227 27.38 -24.72 4.40
C LYS D 227 28.38 -24.42 5.52
N VAL D 228 28.80 -23.16 5.65
CA VAL D 228 29.70 -22.78 6.74
C VAL D 228 29.04 -23.02 8.09
N ILE D 229 27.79 -22.57 8.24
CA ILE D 229 27.11 -22.67 9.53
C ILE D 229 26.88 -24.13 9.91
N GLN D 230 26.73 -25.02 8.93
CA GLN D 230 26.44 -26.42 9.23
C GLN D 230 27.68 -27.20 9.68
N THR D 231 28.88 -26.76 9.28
CA THR D 231 30.10 -27.52 9.55
C THR D 231 31.05 -26.84 10.51
N HIS D 232 31.19 -25.51 10.43
CA HIS D 232 32.24 -24.82 11.19
C HIS D 232 31.96 -24.92 12.69
N PRO D 233 32.94 -25.32 13.50
CA PRO D 233 32.69 -25.46 14.95
C PRO D 233 32.36 -24.14 15.63
N HIS D 234 32.93 -23.02 15.16
CA HIS D 234 32.66 -21.75 15.81
C HIS D 234 31.25 -21.23 15.54
N ALA D 235 30.52 -21.87 14.62
CA ALA D 235 29.11 -21.58 14.40
C ALA D 235 28.20 -22.58 15.10
N ASN D 236 28.74 -23.43 15.97
CA ASN D 236 27.93 -24.44 16.63
C ASN D 236 26.94 -23.86 17.62
N LYS D 237 27.16 -22.63 18.08
CA LYS D 237 26.28 -21.98 19.05
C LYS D 237 25.43 -20.89 18.41
N LEU D 238 25.45 -20.75 17.08
CA LEU D 238 24.62 -19.75 16.45
C LEU D 238 23.18 -20.22 16.34
N PRO D 239 22.21 -19.32 16.47
CA PRO D 239 20.81 -19.73 16.30
C PRO D 239 20.50 -20.21 14.90
N LEU D 240 21.24 -19.75 13.89
CA LEU D 240 20.95 -20.10 12.51
C LEU D 240 21.22 -21.56 12.20
N LYS D 241 22.06 -22.22 13.01
CA LYS D 241 22.34 -23.64 12.77
C LYS D 241 21.08 -24.47 12.87
N ASP D 242 20.12 -24.05 13.70
CA ASP D 242 18.84 -24.75 13.75
C ASP D 242 17.96 -24.39 12.56
N SER D 243 17.98 -23.12 12.13
CA SER D 243 17.14 -22.69 11.02
C SER D 243 17.77 -21.49 10.34
N PHE D 244 18.06 -21.61 9.05
CA PHE D 244 18.64 -20.51 8.27
C PHE D 244 18.15 -20.67 6.82
N THR D 245 17.05 -19.99 6.52
CA THR D 245 16.41 -20.08 5.22
C THR D 245 16.92 -19.01 4.27
N TYR D 246 16.68 -19.22 2.97
CA TYR D 246 17.03 -18.18 1.99
C TYR D 246 16.21 -16.93 2.23
N GLU D 247 14.95 -17.08 2.65
CA GLU D 247 14.13 -15.92 2.99
C GLU D 247 14.79 -15.10 4.09
N ASP D 248 15.40 -15.76 5.07
CA ASP D 248 16.15 -15.07 6.12
C ASP D 248 17.25 -14.20 5.53
N TYR D 249 18.04 -14.75 4.60
CA TYR D 249 19.19 -14.02 4.09
C TYR D 249 18.76 -12.91 3.13
N ARG D 250 17.70 -13.14 2.35
CA ARG D 250 17.18 -12.08 1.50
C ARG D 250 16.64 -10.93 2.34
N TRP D 251 15.93 -11.26 3.43
CA TRP D 251 15.43 -10.23 4.33
C TRP D 251 16.57 -9.46 5.00
N ALA D 252 17.62 -10.16 5.43
CA ALA D 252 18.68 -9.53 6.21
C ALA D 252 19.50 -8.56 5.36
N VAL D 253 19.88 -8.98 4.15
CA VAL D 253 20.69 -8.09 3.33
C VAL D 253 19.85 -6.93 2.79
N SER D 254 18.55 -7.15 2.61
CA SER D 254 17.69 -6.04 2.19
C SER D 254 17.50 -5.04 3.32
N SER D 255 17.35 -5.52 4.55
CA SER D 255 17.32 -4.63 5.71
C SER D 255 18.59 -3.79 5.78
N VAL D 256 19.75 -4.43 5.61
CA VAL D 256 21.02 -3.72 5.74
C VAL D 256 21.21 -2.74 4.59
N MET D 257 20.96 -3.18 3.36
CA MET D 257 21.26 -2.30 2.23
C MET D 257 20.27 -1.15 2.12
N THR D 258 19.02 -1.32 2.58
CA THR D 258 18.09 -0.21 2.52
C THR D 258 18.24 0.77 3.68
N ARG D 259 18.97 0.42 4.75
CA ARG D 259 18.96 1.21 5.97
C ARG D 259 20.33 1.57 6.53
N GLN D 260 21.40 0.86 6.17
CA GLN D 260 22.67 1.02 6.84
C GLN D 260 23.28 2.40 6.61
N ALA D 261 24.16 2.80 7.52
CA ALA D 261 24.84 4.08 7.45
C ALA D 261 26.29 3.89 7.86
N GLN D 262 27.14 4.79 7.38
CA GLN D 262 28.56 4.79 7.69
C GLN D 262 28.84 5.91 8.70
N ILE D 263 29.36 5.53 9.87
CA ILE D 263 29.66 6.45 10.96
C ILE D 263 31.10 6.23 11.42
N PRO D 264 31.68 7.13 12.20
CA PRO D 264 33.02 6.87 12.74
C PRO D 264 32.97 5.90 13.91
N THR D 265 34.13 5.32 14.21
CA THR D 265 34.28 4.54 15.41
C THR D 265 34.43 5.46 16.62
N GLU D 266 34.41 4.86 17.82
CA GLU D 266 34.41 5.64 19.05
C GLU D 266 35.60 6.60 19.11
N ASP D 267 36.77 6.14 18.67
CA ASP D 267 37.95 7.01 18.69
C ASP D 267 37.87 8.08 17.60
N GLY D 268 37.28 7.76 16.45
CA GLY D 268 37.18 8.70 15.34
C GLY D 268 38.19 8.50 14.24
N SER D 269 39.05 7.49 14.34
CA SER D 269 40.09 7.23 13.35
C SER D 269 39.58 6.39 12.17
N ARG D 270 38.73 5.39 12.44
CA ARG D 270 38.21 4.52 11.40
C ARG D 270 36.70 4.73 11.26
N VAL D 271 36.15 4.23 10.15
CA VAL D 271 34.73 4.34 9.86
C VAL D 271 34.15 2.93 9.81
N THR D 272 32.88 2.81 10.21
CA THR D 272 32.20 1.52 10.26
C THR D 272 30.76 1.70 9.80
N LEU D 273 30.10 0.58 9.54
CA LEU D 273 28.71 0.55 9.11
C LEU D 273 27.80 0.31 10.32
N ALA D 274 26.56 0.79 10.21
CA ALA D 274 25.66 0.72 11.35
C ALA D 274 24.21 0.80 10.90
N LEU D 275 23.35 0.15 11.67
CA LEU D 275 21.91 0.37 11.63
C LEU D 275 21.58 1.35 12.74
N ILE D 276 20.90 2.45 12.39
CA ILE D 276 20.61 3.52 13.34
C ILE D 276 19.12 3.49 13.65
N PRO D 277 18.69 3.00 14.80
CA PRO D 277 17.26 2.94 15.11
C PRO D 277 16.62 4.32 15.12
N LEU D 278 15.30 4.32 14.92
CA LEU D 278 14.46 5.51 14.98
C LEU D 278 14.71 6.44 13.80
N TRP D 279 15.95 6.90 13.65
CA TRP D 279 16.28 7.80 12.55
C TRP D 279 16.12 7.13 11.20
N ASP D 280 16.37 5.82 11.10
CA ASP D 280 16.21 5.17 9.81
C ASP D 280 14.75 5.04 9.38
N MET D 281 13.80 5.42 10.25
CA MET D 281 12.38 5.45 9.90
C MET D 281 12.01 6.66 9.06
N CYS D 282 12.88 7.65 8.93
CA CYS D 282 12.60 8.78 8.07
C CYS D 282 12.64 8.34 6.61
N ASN D 283 11.74 8.90 5.81
CA ASN D 283 11.73 8.67 4.38
C ASN D 283 12.44 9.82 3.67
N HIS D 284 12.63 9.64 2.35
CA HIS D 284 13.53 10.47 1.58
C HIS D 284 12.79 11.62 0.88
N THR D 285 13.47 12.76 0.77
CA THR D 285 13.02 13.86 -0.07
C THR D 285 14.26 14.61 -0.57
N ASN D 286 14.08 15.45 -1.59
CA ASN D 286 15.20 16.23 -2.10
C ASN D 286 15.64 17.25 -1.06
N GLY D 287 16.95 17.52 -1.03
CA GLY D 287 17.51 18.47 -0.10
C GLY D 287 18.99 18.29 0.17
N LEU D 288 19.41 18.54 1.40
CA LEU D 288 20.79 18.40 1.83
C LEU D 288 20.88 17.43 3.00
N ILE D 289 22.06 16.85 3.17
CA ILE D 289 22.32 16.01 4.34
C ILE D 289 22.29 16.89 5.59
N THR D 290 21.35 16.62 6.48
CA THR D 290 21.25 17.32 7.76
C THR D 290 21.50 16.39 8.94
N THR D 291 21.97 15.18 8.69
CA THR D 291 22.29 14.22 9.73
C THR D 291 23.80 14.14 9.88
N GLY D 292 24.27 14.19 11.12
CA GLY D 292 25.69 14.11 11.39
C GLY D 292 25.94 13.41 12.70
N TYR D 293 27.12 12.80 12.81
CA TYR D 293 27.52 12.17 14.05
C TYR D 293 28.24 13.18 14.94
N ASN D 294 27.89 13.19 16.21
CA ASN D 294 28.52 14.05 17.22
C ASN D 294 29.40 13.14 18.08
N LEU D 295 30.71 13.20 17.84
CA LEU D 295 31.63 12.31 18.55
C LEU D 295 31.86 12.74 20.00
N GLU D 296 31.62 14.02 20.31
CA GLU D 296 31.81 14.49 21.68
C GLU D 296 30.77 13.89 22.61
N ASP D 297 29.51 13.89 22.19
CA ASP D 297 28.43 13.24 22.93
C ASP D 297 28.20 11.81 22.46
N ASP D 298 28.92 11.37 21.43
CA ASP D 298 28.90 9.99 20.94
C ASP D 298 27.48 9.55 20.59
N ARG D 299 26.89 10.28 19.64
CA ARG D 299 25.52 10.01 19.22
C ARG D 299 25.27 10.60 17.84
N CYS D 300 24.36 9.96 17.10
N CYS D 300 24.37 9.95 17.10
CA CYS D 300 23.93 10.49 15.81
CA CYS D 300 23.91 10.49 15.82
C CYS D 300 22.92 11.60 16.02
C CYS D 300 22.96 11.64 16.07
N GLU D 301 23.07 12.68 15.24
CA GLU D 301 22.22 13.86 15.39
C GLU D 301 21.68 14.27 14.03
N CYS D 302 20.43 14.73 14.02
CA CYS D 302 19.73 15.08 12.79
C CYS D 302 18.91 16.33 13.01
N VAL D 303 19.13 17.34 12.19
CA VAL D 303 18.38 18.59 12.29
C VAL D 303 17.37 18.64 11.14
N ALA D 304 16.30 19.41 11.36
CA ALA D 304 15.19 19.44 10.43
C ALA D 304 15.62 20.02 9.09
N LEU D 305 15.25 19.33 8.01
CA LEU D 305 15.62 19.77 6.67
C LEU D 305 14.79 20.96 6.21
N GLN D 306 13.58 21.11 6.74
CA GLN D 306 12.71 22.21 6.38
C GLN D 306 11.74 22.45 7.54
N ASP D 307 10.87 23.44 7.39
CA ASP D 307 9.82 23.65 8.38
C ASP D 307 8.79 22.52 8.28
N PHE D 308 8.52 21.89 9.42
CA PHE D 308 7.57 20.79 9.51
C PHE D 308 6.43 21.18 10.43
N ARG D 309 5.26 21.45 9.86
CA ARG D 309 4.07 21.68 10.66
CA ARG D 309 4.08 21.68 10.67
C ARG D 309 3.67 20.40 11.39
N ALA D 310 2.93 20.56 12.47
CA ALA D 310 2.38 19.41 13.16
C ALA D 310 1.41 18.69 12.21
N GLY D 311 1.57 17.37 12.11
CA GLY D 311 0.77 16.59 11.18
C GLY D 311 1.41 16.36 9.82
N GLU D 312 2.58 16.95 9.56
CA GLU D 312 3.31 16.72 8.33
C GLU D 312 4.37 15.65 8.54
N GLN D 313 4.58 14.83 7.52
CA GLN D 313 5.64 13.83 7.56
C GLN D 313 7.00 14.51 7.62
N ILE D 314 7.89 13.92 8.42
CA ILE D 314 9.26 14.41 8.54
C ILE D 314 10.13 13.66 7.54
N TYR D 315 10.71 14.38 6.59
CA TYR D 315 11.63 13.81 5.63
C TYR D 315 13.07 14.18 5.97
N ILE D 316 13.99 13.29 5.59
CA ILE D 316 15.41 13.60 5.52
C ILE D 316 15.87 13.37 4.08
N PHE D 317 17.09 13.81 3.81
CA PHE D 317 17.73 13.59 2.52
C PHE D 317 18.72 12.44 2.69
N TYR D 318 18.49 11.35 1.94
CA TYR D 318 19.31 10.16 2.09
C TYR D 318 20.73 10.39 1.57
N GLY D 319 20.88 11.14 0.49
CA GLY D 319 22.14 11.27 -0.19
C GLY D 319 21.93 11.47 -1.68
N THR D 320 23.00 11.89 -2.36
CA THR D 320 22.93 12.25 -3.78
C THR D 320 23.11 11.00 -4.64
N ARG D 321 22.05 10.18 -4.68
CA ARG D 321 22.07 8.91 -5.40
C ARG D 321 21.16 8.97 -6.61
N SER D 322 21.46 8.14 -7.61
CA SER D 322 20.63 8.05 -8.78
C SER D 322 19.45 7.09 -8.54
N ASN D 323 18.47 7.16 -9.43
CA ASN D 323 17.30 6.29 -9.30
C ASN D 323 17.68 4.83 -9.48
N ALA D 324 18.74 4.54 -10.25
N ALA D 324 18.74 4.54 -10.25
CA ALA D 324 19.23 3.17 -10.35
CA ALA D 324 19.23 3.17 -10.35
C ALA D 324 19.70 2.66 -9.00
C ALA D 324 19.70 2.66 -9.00
N GLU D 325 20.46 3.46 -8.26
CA GLU D 325 20.89 3.07 -6.94
C GLU D 325 19.73 3.04 -5.95
N PHE D 326 18.79 3.98 -6.08
N PHE D 326 18.79 3.98 -6.08
CA PHE D 326 17.62 3.98 -5.20
CA PHE D 326 17.62 3.98 -5.20
C PHE D 326 16.80 2.70 -5.41
C PHE D 326 16.80 2.70 -5.41
N VAL D 327 16.61 2.29 -6.66
CA VAL D 327 15.85 1.07 -6.92
C VAL D 327 16.60 -0.14 -6.40
N ILE D 328 17.87 -0.28 -6.78
CA ILE D 328 18.59 -1.52 -6.53
C ILE D 328 18.99 -1.65 -5.07
N HIS D 329 19.50 -0.58 -4.46
CA HIS D 329 20.01 -0.65 -3.09
C HIS D 329 19.02 -0.17 -2.05
N SER D 330 18.13 0.76 -2.39
CA SER D 330 17.18 1.31 -1.42
C SER D 330 15.75 0.87 -1.64
N GLY D 331 15.45 0.21 -2.75
CA GLY D 331 14.13 -0.37 -2.93
C GLY D 331 13.00 0.60 -3.22
N PHE D 332 13.28 1.71 -3.88
CA PHE D 332 12.20 2.57 -4.34
C PHE D 332 12.69 3.43 -5.50
N PHE D 333 11.74 3.98 -6.25
CA PHE D 333 12.01 4.94 -7.31
C PHE D 333 11.54 6.31 -6.85
N PHE D 334 12.40 7.31 -6.99
CA PHE D 334 12.11 8.65 -6.49
C PHE D 334 11.80 9.57 -7.66
N ASP D 335 10.54 9.97 -7.79
CA ASP D 335 10.16 10.94 -8.80
C ASP D 335 10.86 12.27 -8.55
N ASN D 336 11.31 12.90 -9.64
CA ASN D 336 11.99 14.19 -9.58
C ASN D 336 13.25 14.12 -8.73
N ASN D 337 14.08 13.11 -9.00
CA ASN D 337 15.39 13.00 -8.37
C ASN D 337 16.34 13.96 -9.08
N SER D 338 16.70 15.06 -8.41
CA SER D 338 17.55 16.05 -9.04
C SER D 338 18.98 15.56 -9.25
N HIS D 339 19.33 14.39 -8.74
CA HIS D 339 20.68 13.84 -8.87
C HIS D 339 20.72 12.59 -9.73
N ASP D 340 19.69 12.37 -10.55
CA ASP D 340 19.68 11.20 -11.43
C ASP D 340 20.74 11.32 -12.51
N ARG D 341 21.30 10.19 -12.92
CA ARG D 341 22.34 10.18 -13.94
CA ARG D 341 22.36 10.17 -13.92
C ARG D 341 22.37 8.82 -14.63
N VAL D 342 23.00 8.80 -15.80
CA VAL D 342 23.28 7.58 -16.55
C VAL D 342 24.77 7.56 -16.85
N LYS D 343 25.31 6.36 -16.99
CA LYS D 343 26.73 6.20 -17.26
C LYS D 343 27.02 6.28 -18.74
N ILE D 344 28.25 6.69 -19.09
CA ILE D 344 28.69 6.74 -20.47
C ILE D 344 30.16 6.37 -20.51
N LYS D 345 30.52 5.33 -21.28
CA LYS D 345 31.89 4.86 -21.35
C LYS D 345 32.60 5.54 -22.52
N LEU D 346 33.74 6.19 -22.22
CA LEU D 346 34.50 6.89 -23.25
C LEU D 346 35.98 6.67 -23.01
N GLY D 347 36.72 6.47 -24.09
CA GLY D 347 38.15 6.28 -24.00
C GLY D 347 38.85 6.67 -25.29
N VAL D 348 40.11 7.07 -25.16
CA VAL D 348 40.92 7.43 -26.33
C VAL D 348 41.48 6.15 -26.93
N SER D 349 41.18 5.92 -28.22
CA SER D 349 41.59 4.68 -28.86
C SER D 349 43.09 4.67 -29.11
N LYS D 350 43.72 3.51 -28.89
CA LYS D 350 45.15 3.38 -29.16
C LYS D 350 45.46 3.49 -30.65
N SER D 351 44.48 3.30 -31.52
CA SER D 351 44.65 3.48 -32.96
C SER D 351 44.62 4.95 -33.37
N ASP D 352 44.49 5.86 -32.42
CA ASP D 352 44.57 7.28 -32.71
C ASP D 352 46.02 7.67 -32.94
N ARG D 353 46.26 8.47 -33.98
CA ARG D 353 47.61 8.94 -34.24
C ARG D 353 48.12 9.83 -33.10
N LEU D 354 47.21 10.53 -32.43
CA LEU D 354 47.57 11.46 -31.37
C LEU D 354 47.37 10.87 -29.97
N TYR D 355 47.30 9.54 -29.86
CA TYR D 355 47.03 8.92 -28.57
C TYR D 355 48.08 9.34 -27.54
N ALA D 356 49.36 9.34 -27.90
CA ALA D 356 50.40 9.65 -26.94
C ALA D 356 50.24 11.07 -26.38
N MET D 357 49.92 12.03 -27.25
CA MET D 357 49.76 13.40 -26.79
C MET D 357 48.47 13.57 -26.01
N LYS D 358 47.37 12.97 -26.47
CA LYS D 358 46.11 13.06 -25.74
C LYS D 358 46.22 12.42 -24.37
N ALA D 359 46.83 11.23 -24.30
CA ALA D 359 47.00 10.56 -23.01
C ALA D 359 47.81 11.41 -22.05
N GLU D 360 48.84 12.10 -22.56
CA GLU D 360 49.67 12.93 -21.70
C GLU D 360 48.92 14.16 -21.22
N VAL D 361 48.16 14.81 -22.11
CA VAL D 361 47.32 15.93 -21.70
C VAL D 361 46.34 15.47 -20.63
N LEU D 362 45.67 14.33 -20.86
CA LEU D 362 44.70 13.81 -19.89
C LEU D 362 45.36 13.48 -18.56
N ALA D 363 46.59 12.96 -18.61
CA ALA D 363 47.28 12.58 -17.39
C ALA D 363 47.63 13.81 -16.55
N ARG D 364 48.19 14.83 -17.18
CA ARG D 364 48.51 16.07 -16.47
C ARG D 364 47.27 16.73 -15.88
N ALA D 365 46.08 16.43 -16.42
CA ALA D 365 44.84 16.99 -15.91
C ALA D 365 44.16 16.09 -14.89
N GLY D 366 44.80 14.98 -14.52
CA GLY D 366 44.18 14.04 -13.59
C GLY D 366 43.03 13.25 -14.17
N ILE D 367 43.06 12.93 -15.46
CA ILE D 367 41.96 12.22 -16.11
C ILE D 367 42.51 10.96 -16.78
N PRO D 368 41.94 9.78 -16.50
CA PRO D 368 42.44 8.55 -17.12
C PRO D 368 42.21 8.53 -18.62
N THR D 369 42.90 7.59 -19.27
CA THR D 369 42.79 7.43 -20.73
C THR D 369 41.39 6.96 -21.14
N SER D 370 40.82 6.03 -20.37
CA SER D 370 39.45 5.59 -20.59
C SER D 370 38.78 5.45 -19.24
N SER D 371 37.51 5.84 -19.17
CA SER D 371 36.78 5.76 -17.91
C SER D 371 35.29 5.71 -18.19
N VAL D 372 34.52 5.59 -17.11
CA VAL D 372 33.06 5.68 -17.16
C VAL D 372 32.68 7.04 -16.60
N PHE D 373 32.03 7.86 -17.43
CA PHE D 373 31.56 9.17 -17.02
C PHE D 373 30.06 9.13 -16.75
N ALA D 374 29.50 10.28 -16.37
CA ALA D 374 28.09 10.39 -16.05
C ALA D 374 27.44 11.50 -16.85
N LEU D 375 26.20 11.26 -17.27
CA LEU D 375 25.34 12.27 -17.87
C LEU D 375 24.24 12.59 -16.88
N HIS D 376 24.08 13.87 -16.55
CA HIS D 376 23.10 14.30 -15.56
C HIS D 376 21.87 14.88 -16.24
N PHE D 377 20.74 14.82 -15.54
CA PHE D 377 19.50 15.38 -16.06
C PHE D 377 19.42 16.87 -15.78
N THR D 378 19.73 17.29 -14.56
CA THR D 378 19.72 18.70 -14.22
C THR D 378 20.94 19.39 -14.83
N GLU D 379 20.68 20.44 -15.61
CA GLU D 379 21.76 21.19 -16.23
C GLU D 379 22.69 21.74 -15.16
N PRO D 380 24.02 21.64 -15.33
CA PRO D 380 24.78 21.14 -16.49
C PRO D 380 24.70 19.64 -16.71
N PRO D 381 24.51 19.22 -17.96
CA PRO D 381 24.40 17.78 -18.26
C PRO D 381 25.71 17.03 -18.08
N ILE D 382 26.85 17.66 -18.33
CA ILE D 382 28.14 17.01 -18.23
C ILE D 382 28.97 17.70 -17.17
N SER D 383 29.81 16.93 -16.49
CA SER D 383 30.67 17.44 -15.44
C SER D 383 31.91 18.11 -16.02
N ALA D 384 32.71 18.71 -15.15
CA ALA D 384 33.96 19.33 -15.58
C ALA D 384 34.95 18.32 -16.10
N GLN D 385 34.94 17.10 -15.55
CA GLN D 385 35.89 16.09 -16.00
C GLN D 385 35.50 15.53 -17.36
N LEU D 386 34.19 15.41 -17.63
CA LEU D 386 33.77 14.92 -18.94
C LEU D 386 34.00 15.96 -20.02
N LEU D 387 33.71 17.23 -19.72
CA LEU D 387 33.98 18.29 -20.69
C LEU D 387 35.48 18.35 -21.02
N ALA D 388 36.33 18.24 -20.00
CA ALA D 388 37.77 18.24 -20.25
C ALA D 388 38.18 17.05 -21.10
N PHE D 389 37.63 15.87 -20.83
CA PHE D 389 37.93 14.71 -21.66
C PHE D 389 37.50 14.93 -23.09
N LEU D 390 36.26 15.39 -23.30
CA LEU D 390 35.75 15.57 -24.65
C LEU D 390 36.56 16.59 -25.43
N ARG D 391 37.01 17.66 -24.76
CA ARG D 391 37.85 18.65 -25.43
C ARG D 391 39.16 18.04 -25.90
N VAL D 392 39.84 17.31 -25.02
CA VAL D 392 41.08 16.64 -25.41
C VAL D 392 40.80 15.59 -26.47
N PHE D 393 39.66 14.90 -26.34
CA PHE D 393 39.31 13.84 -27.29
C PHE D 393 39.21 14.37 -28.72
N CYS D 394 38.88 15.64 -28.88
CA CYS D 394 38.68 16.24 -30.19
C CYS D 394 39.78 17.25 -30.56
N MET D 395 40.85 17.34 -29.77
CA MET D 395 41.90 18.32 -30.03
C MET D 395 42.71 17.94 -31.26
N THR D 396 43.05 18.95 -32.07
CA THR D 396 44.06 18.79 -33.10
C THR D 396 45.45 18.70 -32.49
N GLU D 397 46.44 18.33 -33.31
CA GLU D 397 47.80 18.24 -32.82
C GLU D 397 48.32 19.60 -32.37
N GLU D 398 47.98 20.67 -33.08
CA GLU D 398 48.42 22.00 -32.68
C GLU D 398 47.83 22.40 -31.35
N GLU D 399 46.57 22.04 -31.10
CA GLU D 399 45.96 22.36 -29.82
C GLU D 399 46.58 21.55 -28.68
N LEU D 400 46.91 20.29 -28.93
CA LEU D 400 47.55 19.47 -27.90
C LEU D 400 48.91 20.04 -27.53
N LYS D 401 49.64 20.61 -28.49
CA LYS D 401 50.96 21.16 -28.21
C LYS D 401 50.87 22.36 -27.27
N GLU D 402 49.85 23.21 -27.45
CA GLU D 402 49.68 24.36 -26.57
C GLU D 402 49.29 23.95 -25.16
N HIS D 403 48.77 22.73 -24.98
CA HIS D 403 48.47 22.21 -23.65
C HIS D 403 49.61 21.38 -23.08
N LEU D 404 50.74 21.27 -23.79
CA LEU D 404 51.88 20.50 -23.33
C LEU D 404 53.17 21.29 -23.25
N LEU D 405 53.31 22.38 -24.00
CA LEU D 405 54.57 23.11 -24.10
C LEU D 405 54.35 24.61 -23.85
N GLY D 406 55.35 25.24 -23.24
CA GLY D 406 55.36 26.67 -23.03
C GLY D 406 54.79 27.05 -21.67
N ASP D 407 54.96 28.34 -21.35
CA ASP D 407 54.62 28.86 -20.03
C ASP D 407 53.12 28.95 -19.78
N SER D 408 52.29 28.75 -20.80
CA SER D 408 50.84 28.79 -20.65
C SER D 408 50.21 27.41 -20.65
N ALA D 409 51.01 26.35 -20.72
CA ALA D 409 50.47 25.00 -20.84
C ALA D 409 49.67 24.61 -19.60
N ILE D 410 50.20 24.89 -18.41
CA ILE D 410 49.51 24.51 -17.18
C ILE D 410 48.25 25.35 -16.98
N ASP D 411 48.29 26.62 -17.40
CA ASP D 411 47.08 27.44 -17.30
C ASP D 411 45.98 26.89 -18.20
N ARG D 412 46.32 26.46 -19.41
CA ARG D 412 45.31 25.89 -20.31
C ARG D 412 44.74 24.59 -19.75
N ILE D 413 45.58 23.79 -19.09
CA ILE D 413 45.09 22.56 -18.48
C ILE D 413 44.17 22.90 -17.31
N PHE D 414 44.48 23.97 -16.57
CA PHE D 414 43.69 24.33 -15.41
C PHE D 414 42.26 24.70 -15.77
N THR D 415 42.06 25.27 -16.97
CA THR D 415 40.72 25.66 -17.41
C THR D 415 40.09 24.64 -18.34
N LEU D 416 40.64 23.42 -18.42
CA LEU D 416 40.13 22.44 -19.36
C LEU D 416 38.72 21.98 -19.02
N GLY D 417 38.37 21.97 -17.73
CA GLY D 417 37.04 21.60 -17.28
C GLY D 417 36.06 22.74 -17.13
N ASN D 418 36.48 23.95 -17.50
CA ASN D 418 35.65 25.14 -17.33
C ASN D 418 34.92 25.43 -18.63
N SER D 419 33.58 25.40 -18.58
CA SER D 419 32.78 25.64 -19.76
C SER D 419 32.92 27.06 -20.31
N GLU D 420 33.45 27.99 -19.51
CA GLU D 420 33.52 29.38 -19.94
C GLU D 420 34.75 29.67 -20.78
N PHE D 421 35.74 28.78 -20.81
CA PHE D 421 37.00 29.02 -21.52
C PHE D 421 37.28 27.83 -22.43
N PRO D 422 36.82 27.89 -23.68
CA PRO D 422 37.03 26.79 -24.62
C PRO D 422 38.41 26.83 -25.25
N VAL D 423 38.85 25.66 -25.73
CA VAL D 423 40.07 25.57 -26.52
C VAL D 423 39.96 26.43 -27.76
N SER D 424 38.87 26.26 -28.50
CA SER D 424 38.58 27.04 -29.70
C SER D 424 37.11 26.81 -30.04
N TRP D 425 36.59 27.61 -30.98
CA TRP D 425 35.23 27.39 -31.42
C TRP D 425 35.10 26.06 -32.15
N ASP D 426 36.10 25.71 -32.97
CA ASP D 426 36.06 24.46 -33.73
C ASP D 426 36.10 23.24 -32.80
N ASN D 427 36.85 23.33 -31.71
CA ASN D 427 36.93 22.22 -30.77
C ASN D 427 35.58 21.96 -30.10
N GLU D 428 34.86 23.03 -29.76
CA GLU D 428 33.55 22.87 -29.13
C GLU D 428 32.54 22.24 -30.10
N VAL D 429 32.55 22.69 -31.36
CA VAL D 429 31.61 22.14 -32.34
C VAL D 429 31.83 20.64 -32.52
N LYS D 430 33.09 20.23 -32.61
CA LYS D 430 33.40 18.81 -32.79
C LYS D 430 32.96 17.97 -31.59
N LEU D 431 33.16 18.49 -30.37
CA LEU D 431 32.84 17.68 -29.20
C LEU D 431 31.34 17.60 -28.95
N TRP D 432 30.60 18.69 -29.21
CA TRP D 432 29.15 18.63 -29.05
C TRP D 432 28.51 17.86 -30.20
N THR D 433 29.12 17.90 -31.40
CA THR D 433 28.71 16.99 -32.46
C THR D 433 28.90 15.54 -32.03
N PHE D 434 30.04 15.24 -31.39
CA PHE D 434 30.29 13.88 -30.96
C PHE D 434 29.28 13.41 -29.92
N LEU D 435 29.08 14.20 -28.87
CA LEU D 435 28.17 13.78 -27.81
C LEU D 435 26.74 13.67 -28.31
N GLU D 436 26.36 14.50 -29.28
CA GLU D 436 25.01 14.37 -29.85
C GLU D 436 24.87 13.06 -30.59
N ASP D 437 25.87 12.69 -31.40
CA ASP D 437 25.81 11.42 -32.11
C ASP D 437 25.87 10.23 -31.15
N ARG D 438 26.73 10.29 -30.14
CA ARG D 438 26.91 9.15 -29.24
C ARG D 438 25.67 8.92 -28.38
N ALA D 439 25.06 9.99 -27.88
CA ALA D 439 23.85 9.83 -27.08
C ALA D 439 22.67 9.35 -27.93
N SER D 440 22.59 9.79 -29.18
CA SER D 440 21.59 9.24 -30.10
C SER D 440 21.82 7.76 -30.32
N LEU D 441 23.08 7.36 -30.45
CA LEU D 441 23.42 5.95 -30.66
C LEU D 441 23.02 5.11 -29.45
N LEU D 442 23.30 5.60 -28.23
CA LEU D 442 22.87 4.90 -27.03
C LEU D 442 21.35 4.81 -26.93
N LEU D 443 20.64 5.85 -27.39
CA LEU D 443 19.18 5.83 -27.37
C LEU D 443 18.62 4.69 -28.21
N LYS D 444 19.31 4.32 -29.30
CA LYS D 444 18.84 3.28 -30.19
C LYS D 444 19.10 1.87 -29.67
N THR D 445 19.76 1.72 -28.53
CA THR D 445 20.09 0.41 -28.01
C THR D 445 19.05 -0.12 -27.04
N TYR D 446 18.04 0.67 -26.69
CA TYR D 446 16.95 0.22 -25.85
C TYR D 446 15.87 -0.42 -26.70
N LYS D 447 15.22 -1.44 -26.14
CA LYS D 447 14.21 -2.17 -26.89
C LYS D 447 12.89 -1.42 -27.02
N THR D 448 12.71 -0.32 -26.31
CA THR D 448 11.53 0.52 -26.45
C THR D 448 11.94 1.98 -26.56
N THR D 449 10.97 2.82 -26.89
CA THR D 449 11.17 4.26 -27.00
C THR D 449 10.53 4.97 -25.81
N ILE D 450 10.87 6.26 -25.68
CA ILE D 450 10.28 7.07 -24.61
C ILE D 450 8.77 7.13 -24.74
N GLU D 451 8.27 7.34 -25.97
CA GLU D 451 6.83 7.42 -26.17
C GLU D 451 6.13 6.11 -25.84
N GLU D 452 6.84 4.99 -25.99
CA GLU D 452 6.23 3.69 -25.69
C GLU D 452 6.16 3.41 -24.20
N ASP D 453 7.18 3.83 -23.45
CA ASP D 453 7.14 3.66 -22.00
C ASP D 453 6.06 4.51 -21.36
N LYS D 454 5.90 5.75 -21.85
CA LYS D 454 4.82 6.59 -21.34
C LYS D 454 3.45 5.99 -21.65
N SER D 455 3.33 5.27 -22.77
CA SER D 455 2.06 4.64 -23.10
C SER D 455 1.75 3.47 -22.15
N VAL D 456 2.77 2.68 -21.82
CA VAL D 456 2.57 1.54 -20.93
C VAL D 456 2.14 2.02 -19.54
N LEU D 457 2.83 3.03 -19.01
CA LEU D 457 2.47 3.56 -17.70
C LEU D 457 1.09 4.22 -17.70
N LYS D 458 0.62 4.66 -18.86
CA LYS D 458 -0.69 5.31 -18.96
C LYS D 458 -1.82 4.34 -19.27
N ASN D 459 -1.56 3.27 -20.02
CA ASN D 459 -2.62 2.36 -20.46
C ASN D 459 -2.65 1.02 -19.76
N HIS D 460 -1.68 0.72 -18.90
CA HIS D 460 -1.64 -0.54 -18.18
C HIS D 460 -1.73 -0.29 -16.68
N ASP D 461 -2.35 -1.22 -15.97
CA ASP D 461 -2.41 -1.20 -14.51
C ASP D 461 -1.32 -2.10 -13.98
N LEU D 462 -0.40 -1.53 -13.22
CA LEU D 462 0.87 -2.18 -12.90
C LEU D 462 1.09 -2.22 -11.40
N SER D 463 1.86 -3.22 -10.96
CA SER D 463 2.31 -3.25 -9.57
C SER D 463 3.35 -2.15 -9.33
N VAL D 464 3.63 -1.91 -8.05
CA VAL D 464 4.63 -0.90 -7.70
C VAL D 464 6.02 -1.32 -8.20
N ARG D 465 6.35 -2.60 -8.08
CA ARG D 465 7.65 -3.08 -8.55
C ARG D 465 7.77 -2.97 -10.07
N ALA D 466 6.68 -3.22 -10.79
CA ALA D 466 6.72 -3.07 -12.25
C ALA D 466 6.88 -1.62 -12.65
N LYS D 467 6.19 -0.70 -11.96
CA LYS D 467 6.33 0.71 -12.25
C LYS D 467 7.75 1.20 -11.96
N MET D 468 8.41 0.61 -10.96
CA MET D 468 9.80 0.96 -10.69
C MET D 468 10.70 0.57 -11.86
N ALA D 469 10.50 -0.63 -12.42
CA ALA D 469 11.33 -1.05 -13.55
C ALA D 469 11.08 -0.17 -14.78
N ILE D 470 9.81 0.12 -15.07
CA ILE D 470 9.49 0.86 -16.28
C ILE D 470 9.93 2.32 -16.14
N LYS D 471 9.69 2.94 -14.98
CA LYS D 471 10.17 4.30 -14.75
C LYS D 471 11.68 4.39 -14.81
N LEU D 472 12.38 3.34 -14.38
CA LEU D 472 13.83 3.36 -14.41
C LEU D 472 14.36 3.32 -15.84
N ARG D 473 13.84 2.42 -16.67
CA ARG D 473 14.28 2.34 -18.05
C ARG D 473 13.87 3.59 -18.84
N LEU D 474 12.69 4.14 -18.52
CA LEU D 474 12.32 5.44 -19.08
C LEU D 474 13.26 6.54 -18.62
N GLY D 475 13.67 6.51 -17.35
CA GLY D 475 14.58 7.51 -16.84
C GLY D 475 15.90 7.54 -17.58
N GLU D 476 16.48 6.36 -17.86
CA GLU D 476 17.74 6.32 -18.60
C GLU D 476 17.61 7.02 -19.95
N LYS D 477 16.50 6.79 -20.65
CA LYS D 477 16.35 7.32 -22.00
C LYS D 477 16.10 8.82 -22.01
N GLU D 478 15.34 9.34 -21.04
CA GLU D 478 15.08 10.78 -21.00
C GLU D 478 16.34 11.56 -20.68
N ILE D 479 17.25 11.01 -19.88
CA ILE D 479 18.54 11.65 -19.67
C ILE D 479 19.34 11.65 -20.97
N LEU D 480 19.38 10.50 -21.66
CA LEU D 480 20.05 10.45 -22.96
C LEU D 480 19.41 11.41 -23.94
N GLU D 481 18.07 11.54 -23.91
CA GLU D 481 17.38 12.45 -24.80
C GLU D 481 17.69 13.90 -24.47
N LYS D 482 17.75 14.24 -23.17
CA LYS D 482 18.14 15.59 -22.80
C LYS D 482 19.58 15.89 -23.20
N ALA D 483 20.46 14.88 -23.11
CA ALA D 483 21.83 15.08 -23.57
C ALA D 483 21.89 15.33 -25.07
N VAL D 484 21.00 14.71 -25.84
CA VAL D 484 20.99 14.94 -27.29
C VAL D 484 20.58 16.37 -27.62
N LYS D 485 19.53 16.87 -26.96
CA LYS D 485 19.06 18.21 -27.28
C LYS D 485 19.99 19.29 -26.75
N SER D 486 20.60 19.06 -25.59
N SER D 486 20.60 19.06 -25.59
CA SER D 486 21.56 20.04 -25.06
CA SER D 486 21.56 20.04 -25.06
C SER D 486 22.78 20.15 -25.97
C SER D 486 22.78 20.15 -25.97
N ALA D 487 23.28 19.02 -26.47
CA ALA D 487 24.45 19.04 -27.35
C ALA D 487 24.13 19.72 -28.68
N ALA D 488 22.91 19.54 -29.19
CA ALA D 488 22.52 20.21 -30.42
C ALA D 488 22.40 21.72 -30.20
N VAL D 489 21.92 22.12 -29.02
CA VAL D 489 21.89 23.55 -28.68
C VAL D 489 23.31 24.11 -28.62
N ASN D 490 24.19 23.44 -27.87
CA ASN D 490 25.56 23.92 -27.75
C ASN D 490 26.29 23.90 -29.09
N ARG D 491 26.07 22.85 -29.88
CA ARG D 491 26.72 22.76 -31.19
C ARG D 491 26.36 23.95 -32.06
N GLU D 492 25.09 24.38 -32.02
CA GLU D 492 24.66 25.48 -32.87
C GLU D 492 25.24 26.82 -32.39
N TYR D 493 25.19 27.06 -31.08
CA TYR D 493 25.69 28.32 -30.54
C TYR D 493 27.17 28.52 -30.87
N TYR D 494 27.98 27.48 -30.65
CA TYR D 494 29.41 27.60 -30.93
C TYR D 494 29.70 27.60 -32.43
N ARG D 495 28.79 27.08 -33.25
CA ARG D 495 28.98 27.16 -34.70
C ARG D 495 28.73 28.58 -35.20
N GLN D 496 27.73 29.27 -34.64
CA GLN D 496 27.51 30.67 -34.96
C GLN D 496 28.72 31.52 -34.57
N GLN D 497 29.20 31.36 -33.33
CA GLN D 497 30.38 32.08 -32.89
C GLN D 497 31.56 31.84 -33.82
N MET D 498 31.68 30.63 -34.35
CA MET D 498 32.73 30.32 -35.31
C MET D 498 32.51 31.07 -36.61
N GLU D 499 31.28 31.05 -37.12
CA GLU D 499 30.99 31.73 -38.38
C GLU D 499 31.13 33.24 -38.26
N GLU D 500 30.66 33.80 -37.15
CA GLU D 500 30.72 35.25 -36.94
C GLU D 500 32.11 35.72 -36.52
N LYS D 501 33.10 34.84 -36.50
CA LYS D 501 34.48 35.18 -36.14
C LYS D 501 34.54 35.85 -34.77
N ALA D 502 33.84 35.25 -33.81
CA ALA D 502 33.79 35.81 -32.47
C ALA D 502 35.16 35.70 -31.79
N PRO D 503 35.51 36.67 -30.95
CA PRO D 503 36.80 36.60 -30.24
C PRO D 503 36.75 35.56 -29.12
N LEU D 504 37.76 34.71 -29.09
CA LEU D 504 37.80 33.65 -28.09
C LEU D 504 38.02 34.25 -26.71
N PRO D 505 37.26 33.82 -25.69
CA PRO D 505 37.50 34.31 -24.33
C PRO D 505 38.88 33.88 -23.83
N LYS D 506 39.52 34.78 -23.09
CA LYS D 506 40.84 34.54 -22.53
C LYS D 506 40.79 34.73 -21.01
N TYR D 507 41.52 33.87 -20.30
CA TYR D 507 41.51 33.89 -18.84
C TYR D 507 42.79 34.48 -18.28
C1 EDO E . -28.51 -11.28 7.37
O1 EDO E . -29.02 -9.94 7.25
C2 EDO E . -28.15 -11.54 8.83
O2 EDO E . -27.48 -12.80 8.92
N SAH F . -8.22 -6.45 -2.96
CA SAH F . -8.85 -7.69 -2.50
CB SAH F . -9.77 -8.33 -3.58
CG SAH F . -11.15 -7.70 -3.51
SD SAH F . -12.04 -8.10 -1.96
C SAH F . -7.77 -8.78 -2.07
O SAH F . -6.57 -8.45 -2.03
OXT SAH F . -8.23 -9.91 -1.80
C5' SAH F . -12.66 -6.49 -1.45
C4' SAH F . -11.55 -5.61 -0.90
O4' SAH F . -10.74 -5.07 -1.99
C3' SAH F . -12.03 -4.45 -0.04
O3' SAH F . -12.08 -4.82 1.34
C2' SAH F . -10.94 -3.39 -0.27
O2' SAH F . -9.85 -3.55 0.59
C1' SAH F . -10.40 -3.72 -1.71
N9 SAH F . -11.02 -2.92 -2.74
C8 SAH F . -12.04 -3.32 -3.64
N7 SAH F . -12.39 -2.33 -4.49
C5 SAH F . -11.59 -1.23 -4.12
C6 SAH F . -11.47 0.08 -4.61
N6 SAH F . -12.22 0.53 -5.64
N1 SAH F . -10.55 0.91 -4.02
C2 SAH F . -9.82 0.44 -3.01
N3 SAH F . -9.83 -0.77 -2.46
C4 SAH F . -10.73 -1.59 -3.04
C1 EDO G . -11.56 15.96 -2.13
O1 EDO G . -11.48 14.75 -1.37
C2 EDO G . -11.52 17.16 -1.20
O2 EDO G . -11.75 18.36 -1.94
C1 EDO H . -21.76 9.50 3.16
O1 EDO H . -22.94 9.47 3.98
C2 EDO H . -21.07 8.16 3.33
O2 EDO H . -22.02 7.10 3.12
C1 EDO I . -23.55 2.46 7.68
O1 EDO I . -24.83 3.11 7.81
C2 EDO I . -23.67 1.00 8.07
O2 EDO I . -24.58 0.34 7.18
C1 EDO J . -47.02 5.86 -2.15
O1 EDO J . -48.25 5.78 -2.87
C2 EDO J . -45.86 5.91 -3.14
O2 EDO J . -44.63 6.11 -2.42
C1 EDO K . -26.34 4.30 4.64
O1 EDO K . -25.14 3.79 5.22
C2 EDO K . -26.39 5.82 4.85
O2 EDO K . -25.13 6.38 4.47
C1 EDO L . -3.09 13.36 2.51
O1 EDO L . -4.36 13.62 3.11
C2 EDO L . -2.48 12.10 3.12
O2 EDO L . -1.22 11.83 2.49
C1 EDO M . -29.37 -13.57 -5.91
O1 EDO M . -28.23 -14.44 -5.87
C2 EDO M . -30.10 -13.62 -4.57
O2 EDO M . -30.70 -14.90 -4.41
C1 EDO N . -20.60 12.74 -1.05
O1 EDO N . -19.19 12.97 -1.18
C2 EDO N . -21.06 11.88 -2.21
O2 EDO N . -20.28 10.68 -2.24
C1 EDO O . -15.40 16.03 -2.85
O1 EDO O . -15.47 15.31 -1.62
C2 EDO O . -14.84 17.43 -2.59
O2 EDO O . -14.48 18.05 -3.83
C1 EDO P . 0.02 -10.23 19.91
O1 EDO P . 0.25 -10.71 21.24
C2 EDO P . 0.03 -8.70 19.90
O2 EDO P . 1.33 -8.25 20.33
C1 EDO Q . -5.90 -18.18 23.09
O1 EDO Q . -6.65 -17.69 24.21
C2 EDO Q . -6.26 -19.64 22.84
O2 EDO Q . -7.68 -19.76 22.70
C1 EDO R . -40.62 2.10 12.50
O1 EDO R . -39.78 2.09 11.35
C2 EDO R . -39.79 1.86 13.76
O2 EDO R . -38.86 2.93 13.92
C1 EDO S . -7.93 2.22 24.10
O1 EDO S . -8.32 2.94 22.92
C2 EDO S . -7.37 0.86 23.68
O2 EDO S . -6.31 1.05 22.74
C1 EDO T . -8.99 6.63 1.40
O1 EDO T . -9.73 6.49 0.17
C2 EDO T . -7.53 6.27 1.16
O2 EDO T . -6.97 7.14 0.16
C1 EDO U . -63.83 12.78 -3.43
O1 EDO U . -62.63 12.01 -3.38
C2 EDO U . -63.81 13.72 -4.62
O2 EDO U . -62.84 14.75 -4.39
C1 EDO V . -63.56 3.35 -9.33
O1 EDO V . -63.41 3.10 -7.92
C2 EDO V . -63.58 4.84 -9.60
O2 EDO V . -62.36 5.45 -9.12
C1 GOL W . -17.51 -30.66 0.11
O1 GOL W . -16.21 -30.85 0.53
C2 GOL W . -17.53 -29.38 -0.77
O2 GOL W . -17.18 -29.66 -2.09
C3 GOL W . -18.97 -28.82 -0.64
O3 GOL W . -18.99 -27.62 -1.35
C1 GOL X . -7.35 -6.31 0.46
O1 GOL X . -7.47 -5.33 -0.54
C2 GOL X . -8.18 -5.82 1.67
O2 GOL X . -9.18 -6.71 2.03
C3 GOL X . -7.16 -5.54 2.79
O3 GOL X . -6.67 -4.24 2.59
C1 GOL Y . -31.39 12.48 11.27
O1 GOL Y . -30.96 11.20 11.64
C2 GOL Y . -32.61 12.84 12.17
O2 GOL Y . -32.27 12.95 13.52
C3 GOL Y . -33.16 14.16 11.57
O3 GOL Y . -34.54 14.01 11.44
C ACT Z . -36.17 6.02 1.81
O ACT Z . -36.87 5.59 0.85
OXT ACT Z . -35.56 7.11 1.91
CH3 ACT Z . -36.07 5.11 2.98
C ACT AA . -20.54 10.70 19.29
O ACT AA . -19.56 10.99 18.55
OXT ACT AA . -21.66 11.29 19.39
CH3 ACT AA . -20.38 9.52 20.17
N SAH BA . 9.41 3.43 5.05
CA SAH BA . 10.42 2.68 5.80
CB SAH BA . 11.35 3.58 6.67
CG SAH BA . 12.43 4.17 5.81
SD SAH BA . 13.76 2.98 5.42
C SAH BA . 9.72 1.65 6.75
O SAH BA . 8.49 1.58 6.70
OXT SAH BA . 10.49 1.01 7.51
C5' SAH BA . 13.92 3.15 3.61
C4' SAH BA . 12.71 2.57 2.86
O4' SAH BA . 11.59 3.49 2.93
C3' SAH BA . 12.96 2.28 1.39
O3' SAH BA . 13.48 0.97 1.20
C2' SAH BA . 11.55 2.42 0.78
O2' SAH BA . 10.77 1.24 0.97
C1' SAH BA . 10.91 3.52 1.69
N9 SAH BA . 11.02 4.88 1.20
C8 SAH BA . 11.88 5.90 1.69
N7 SAH BA . 11.72 7.06 1.04
C5 SAH BA . 10.71 6.82 0.09
C6 SAH BA . 10.09 7.62 -0.90
N6 SAH BA . 10.43 8.92 -1.07
N1 SAH BA . 9.12 7.05 -1.69
C2 SAH BA . 8.80 5.77 -1.48
N3 SAH BA . 9.30 4.91 -0.60
C4 SAH BA . 10.27 5.47 0.18
C1 EDO CA . 40.73 19.45 -15.49
O1 EDO CA . 41.88 20.19 -15.09
C2 EDO CA . 39.91 19.05 -14.26
O2 EDO CA . 38.57 18.73 -14.66
C1 EDO DA . 7.27 3.71 -8.23
O1 EDO DA . 7.55 5.12 -8.34
C2 EDO DA . 5.88 3.54 -7.62
O2 EDO DA . 4.94 4.33 -8.36
C1 EDO EA . 7.36 -21.22 1.61
O1 EDO EA . 7.54 -22.61 1.28
C2 EDO EA . 7.29 -20.40 0.32
O2 EDO EA . 6.27 -20.96 -0.52
C1 EDO FA . 4.63 3.06 -3.53
O1 EDO FA . 5.23 4.35 -3.58
C2 EDO FA . 5.28 2.25 -2.41
O2 EDO FA . 4.57 1.01 -2.23
C1 EDO GA . 35.10 6.65 -28.89
O1 EDO GA . 34.47 5.50 -29.46
C2 EDO GA . 34.80 6.71 -27.39
O2 EDO GA . 35.35 5.57 -26.74
C1 EDO HA . 8.86 6.56 26.42
O1 EDO HA . 8.33 5.58 25.51
C2 EDO HA . 9.29 5.86 27.71
O2 EDO HA . 9.49 6.86 28.72
C1 EDO IA . 17.48 6.03 -14.76
O1 EDO IA . 16.49 6.73 -13.99
C2 EDO IA . 18.89 6.47 -14.37
O2 EDO IA . 19.15 6.13 -13.02
C1 EDO JA . 24.70 15.13 -8.82
O1 EDO JA . 23.95 16.27 -8.38
C2 EDO JA . 25.84 14.87 -7.85
O2 EDO JA . 26.59 13.73 -8.30
C1 EDO KA . 16.32 -24.88 7.48
O1 EDO KA . 17.59 -24.21 7.63
C2 EDO KA . 15.82 -24.72 6.06
O2 EDO KA . 16.70 -25.39 5.15
C1 EDO LA . 6.69 -16.32 7.42
O1 EDO LA . 7.70 -16.20 6.40
C2 EDO LA . 6.61 -17.75 7.91
O2 EDO LA . 7.88 -18.17 8.44
C1 EDO MA . 42.17 26.25 -23.43
O1 EDO MA . 42.19 27.67 -23.24
C2 EDO MA . 41.69 25.57 -22.15
O2 EDO MA . 40.35 25.97 -21.85
C1 EDO NA . 9.51 -14.55 -4.26
O1 EDO NA . 10.43 -13.85 -5.10
C2 EDO NA . 9.03 -13.64 -3.13
O2 EDO NA . 8.59 -12.39 -3.68
C1 EDO OA . 19.75 16.76 23.62
O1 EDO OA . 19.91 17.83 22.68
C2 EDO OA . 20.78 16.90 24.73
O2 EDO OA . 20.51 15.93 25.76
C1 EDO PA . 40.02 1.93 -16.62
O1 EDO PA . 39.88 1.90 -15.19
C2 EDO PA . 41.45 1.55 -16.99
O2 EDO PA . 41.67 0.16 -16.67
C1 EDO QA . 4.70 -2.51 -1.59
O1 EDO QA . 5.58 -1.40 -1.85
C2 EDO QA . 4.47 -3.32 -2.87
O2 EDO QA . 5.61 -4.12 -3.21
#